data_5K33
#
_entry.id   5K33
#
_cell.length_a   108.620
_cell.length_b   108.620
_cell.length_c   174.340
_cell.angle_alpha   90.00
_cell.angle_beta   90.00
_cell.angle_gamma   120.00
#
_symmetry.space_group_name_H-M   'P 32 2 1'
#
loop_
_entity.id
_entity.type
_entity.pdbx_description
1 polymer 'Ig gamma-1 chain C region'
2 polymer 'Receptor tyrosine-protein kinase erbB-2'
3 branched alpha-D-mannopyranose-(1-3)-[alpha-D-mannopyranose-(1-6)]beta-D-mannopyranose-(1-4)-2-acetamido-2-deoxy-beta-D-glucopyranose-(1-4)-2-acetamido-2-deoxy-beta-D-glucopyranose
4 branched alpha-D-mannopyranose-(1-3)-beta-D-mannopyranose-(1-4)-2-acetamido-2-deoxy-beta-D-glucopyranose-(1-4)-2-acetamido-2-deoxy-beta-D-glucopyranose
5 non-polymer GLYCEROL
6 non-polymer 2-acetamido-2-deoxy-beta-D-glucopyranose
#
loop_
_entity_poly.entity_id
_entity_poly.type
_entity_poly.pdbx_seq_one_letter_code
_entity_poly.pdbx_strand_id
1 'polypeptide(L)'
;TCPPCPAPELLGGPSVFLFPPKPKDTLMISRTPEVTCVVVDVSHEDPEVKFNWYVDGVEVHNAKTKPREEQYNSTYRVVS
VLTVLHQDWLNGKEYKCKVSNKALPAPIEKTISKAKGQPREPQVYTLPPSRDEYLSDSVSLTCLVKGFYPSDIAVEWESN
GQPENNYKTTPPVLDSDGSFFLYSKLTVPRHSETMRRWAHGNVFSCSVMHEALHNHYTQKSLSLSPG
;
A
2 'polypeptide(L)'
;TQVCTGTDMKLRLPASPETHLDMLRHLYQGCQVVQGNLELTYLPTNASLSFLQDIQEVQGYVLIAHNQVRQVPLQRLRIV
RGTQLFEDNYALAVLDNGDPLNNTTPVTGASPGGLRELQLRSLTEILKGGVLIQRNPQLCYQDTILWKDIFHKNNQLALT
LIDTNRSRACHPCSPMCKGSRCWGESSEDCQSLTRTVCAGGCARCKGPLPTDCCHEQCAAGCTGPKHSDCLACLHFNHSG
ICELHCPALVTYNTDTFESMPNPEGRYTFGASCVTACPYNYLSTDVGSCTLVCPLHNQEVTAEDGTQRCEKCSKPCARVC
YGLGMEHLREVRAVTSANIQEFAGCKKIFGSLAFLPESFDGDPASNTAPLQPEQLQVFETLEEITGYLYISAWPDSLPDL
SVFQNLQVIRGRILHNGAYSLTLQGLGISWLGLRSLRELGSGLALIHHNTHLCFVHTVPWDQLFRNPHQALLHTANRPED
ECVGEGLACHQLCARGHCWGPGPTQCVNCSQFLRGQECVEECRVLQGLPREYVNARHCLPCHPECQPQNGSVTCFGPEAD
QCVACAHYKDPPFCVARCPSGVKPDLSYMPIWKFPDEEGACQPCPIN
;
C
#
loop_
_chem_comp.id
_chem_comp.type
_chem_comp.name
_chem_comp.formula
BMA D-saccharide, beta linking beta-D-mannopyranose 'C6 H12 O6'
GOL non-polymer GLYCEROL 'C3 H8 O3'
MAN D-saccharide, alpha linking alpha-D-mannopyranose 'C6 H12 O6'
NAG D-saccharide, beta linking 2-acetamido-2-deoxy-beta-D-glucopyranose 'C8 H15 N O6'
#
# COMPACT_ATOMS: atom_id res chain seq x y z
N GLY A 13 70.01 22.82 -21.85
CA GLY A 13 69.77 22.76 -20.43
C GLY A 13 68.43 22.10 -20.10
N PRO A 14 68.24 21.77 -18.82
CA PRO A 14 66.97 21.14 -18.40
C PRO A 14 65.76 22.00 -18.75
N SER A 15 64.58 21.41 -18.51
CA SER A 15 63.31 22.09 -18.71
C SER A 15 62.35 21.68 -17.61
N VAL A 16 61.60 22.66 -17.09
CA VAL A 16 60.71 22.46 -15.95
C VAL A 16 59.27 22.50 -16.44
N PHE A 17 58.41 21.76 -15.75
CA PHE A 17 56.98 21.73 -16.04
C PHE A 17 56.22 21.50 -14.74
N LEU A 18 55.28 22.40 -14.45
CA LEU A 18 54.59 22.44 -13.17
C LEU A 18 53.12 22.10 -13.37
N PHE A 19 52.64 21.06 -12.67
CA PHE A 19 51.26 20.60 -12.81
C PHE A 19 50.44 20.93 -11.56
N PRO A 20 49.15 21.21 -11.72
CA PRO A 20 48.31 21.52 -10.57
C PRO A 20 47.85 20.25 -9.88
N PRO A 21 47.08 20.38 -8.80
CA PRO A 21 46.45 19.19 -8.21
C PRO A 21 45.28 18.72 -9.05
N LYS A 22 44.98 17.43 -8.93
CA LYS A 22 43.81 16.89 -9.61
C LYS A 22 42.55 17.57 -9.08
N PRO A 23 41.61 17.94 -9.94
CA PRO A 23 40.42 18.66 -9.44
C PRO A 23 39.62 17.83 -8.46
N LYS A 24 39.60 16.51 -8.63
CA LYS A 24 38.91 15.65 -7.66
C LYS A 24 39.54 15.78 -6.28
N ASP A 25 40.87 15.81 -6.21
CA ASP A 25 41.55 15.96 -4.92
C ASP A 25 41.20 17.30 -4.29
N THR A 26 41.14 18.37 -5.09
CA THR A 26 40.87 19.69 -4.56
C THR A 26 39.54 19.74 -3.81
N LEU A 27 38.53 19.07 -4.33
CA LEU A 27 37.17 19.22 -3.81
C LEU A 27 36.82 18.20 -2.73
N MET A 28 37.34 16.98 -2.82
CA MET A 28 37.10 15.97 -1.79
C MET A 28 38.05 16.20 -0.62
N ILE A 29 37.51 16.09 0.59
CA ILE A 29 38.29 16.45 1.78
C ILE A 29 39.34 15.40 2.07
N SER A 30 38.94 14.14 2.14
CA SER A 30 39.86 13.07 2.52
C SER A 30 40.85 12.70 1.41
N ARG A 31 40.88 13.43 0.31
CA ARG A 31 41.91 13.29 -0.70
C ARG A 31 42.88 14.45 -0.60
N THR A 32 44.18 14.14 -0.67
CA THR A 32 45.21 15.14 -0.48
C THR A 32 45.66 15.66 -1.85
N PRO A 33 45.33 16.89 -2.22
CA PRO A 33 45.89 17.46 -3.45
C PRO A 33 47.34 17.84 -3.26
N GLU A 34 48.06 17.95 -4.38
CA GLU A 34 49.48 18.22 -4.34
C GLU A 34 49.93 18.83 -5.65
N VAL A 35 50.63 19.96 -5.56
CA VAL A 35 51.24 20.57 -6.74
C VAL A 35 52.54 19.83 -7.05
N THR A 36 52.74 19.47 -8.31
CA THR A 36 53.82 18.59 -8.73
C THR A 36 54.72 19.32 -9.71
N CYS A 37 56.01 19.38 -9.38
CA CYS A 37 57.01 20.12 -10.16
C CYS A 37 57.97 19.12 -10.79
N VAL A 38 57.87 18.95 -12.11
CA VAL A 38 58.69 17.98 -12.84
C VAL A 38 59.93 18.68 -13.40
N VAL A 39 61.02 17.93 -13.45
CA VAL A 39 62.27 18.39 -14.05
C VAL A 39 62.74 17.32 -15.02
N VAL A 40 62.81 17.68 -16.31
CA VAL A 40 63.21 16.75 -17.36
C VAL A 40 64.48 17.28 -18.01
N ASP A 41 65.18 16.38 -18.70
CA ASP A 41 66.46 16.70 -19.33
C ASP A 41 67.50 17.12 -18.29
N VAL A 42 67.47 16.46 -17.14
CA VAL A 42 68.51 16.64 -16.13
C VAL A 42 69.75 15.87 -16.59
N SER A 43 70.84 16.59 -16.79
CA SER A 43 72.01 16.01 -17.46
C SER A 43 72.59 14.86 -16.65
N HIS A 44 73.09 13.85 -17.37
CA HIS A 44 73.91 12.82 -16.74
C HIS A 44 75.10 13.44 -16.01
N GLU A 45 75.64 14.54 -16.53
CA GLU A 45 76.84 15.15 -15.96
C GLU A 45 76.55 16.00 -14.73
N ASP A 46 75.35 16.57 -14.64
CA ASP A 46 74.98 17.49 -13.56
C ASP A 46 73.61 17.10 -13.03
N PRO A 47 73.53 16.08 -12.17
CA PRO A 47 72.22 15.62 -11.70
C PRO A 47 71.70 16.37 -10.49
N GLU A 48 72.57 17.05 -9.75
CA GLU A 48 72.17 17.73 -8.52
C GLU A 48 71.15 18.83 -8.82
N VAL A 49 69.89 18.57 -8.50
CA VAL A 49 68.81 19.53 -8.66
C VAL A 49 68.32 19.93 -7.28
N LYS A 50 67.92 21.19 -7.13
CA LYS A 50 67.45 21.71 -5.85
C LYS A 50 66.16 22.49 -6.07
N PHE A 51 65.21 22.30 -5.15
CA PHE A 51 63.89 22.89 -5.24
C PHE A 51 63.65 23.85 -4.09
N ASN A 52 62.99 24.96 -4.39
CA ASN A 52 62.44 25.86 -3.38
C ASN A 52 60.99 26.14 -3.73
N TRP A 53 60.09 25.86 -2.81
CA TRP A 53 58.66 26.09 -3.00
C TRP A 53 58.22 27.36 -2.28
N TYR A 54 57.26 28.07 -2.87
CA TYR A 54 56.76 29.32 -2.32
C TYR A 54 55.24 29.37 -2.47
N VAL A 55 54.57 29.86 -1.43
CA VAL A 55 53.12 30.10 -1.45
C VAL A 55 52.91 31.59 -1.23
N ASP A 56 52.38 32.27 -2.24
CA ASP A 56 52.19 33.73 -2.18
C ASP A 56 53.48 34.43 -1.75
N GLY A 57 54.62 33.89 -2.19
CA GLY A 57 55.91 34.49 -1.95
C GLY A 57 56.67 33.94 -0.75
N VAL A 58 56.05 33.06 0.03
CA VAL A 58 56.62 32.57 1.29
C VAL A 58 57.07 31.13 1.10
N GLU A 59 58.33 30.86 1.44
CA GLU A 59 58.84 29.50 1.33
C GLU A 59 58.07 28.56 2.26
N VAL A 60 58.13 27.26 1.95
CA VAL A 60 57.35 26.24 2.64
C VAL A 60 58.24 25.31 3.46
N HIS A 61 59.15 24.61 2.81
CA HIS A 61 60.01 23.59 3.42
C HIS A 61 59.26 22.32 3.75
N ASN A 62 58.03 22.17 3.26
CA ASN A 62 57.19 21.02 3.56
C ASN A 62 57.24 19.94 2.48
N ALA A 63 57.37 20.34 1.22
CA ALA A 63 57.32 19.39 0.12
C ALA A 63 58.40 18.32 0.27
N LYS A 64 58.19 17.21 -0.44
CA LYS A 64 59.15 16.12 -0.52
C LYS A 64 59.53 15.92 -1.99
N THR A 65 60.54 15.09 -2.22
CA THR A 65 61.11 14.93 -3.55
C THR A 65 61.30 13.45 -3.86
N LYS A 66 60.76 13.02 -5.01
CA LYS A 66 60.97 11.67 -5.47
C LYS A 66 62.39 11.51 -6.00
N PRO A 67 62.90 10.28 -6.06
CA PRO A 67 64.30 10.09 -6.47
C PRO A 67 64.51 10.30 -7.98
N ARG A 68 65.77 10.19 -8.41
CA ARG A 68 66.08 10.31 -9.83
C ARG A 68 65.43 9.17 -10.60
N GLU A 69 64.65 9.54 -11.62
CA GLU A 69 63.99 8.57 -12.50
C GLU A 69 64.65 8.69 -13.88
N GLU A 70 65.54 7.74 -14.18
CA GLU A 70 66.27 7.79 -15.44
C GLU A 70 65.34 7.45 -16.60
N GLN A 71 65.54 8.11 -17.72
CA GLN A 71 64.65 8.02 -18.87
C GLN A 71 65.36 7.33 -20.04
N TYR A 72 64.64 7.24 -21.17
CA TYR A 72 65.16 6.54 -22.33
C TYR A 72 66.35 7.29 -22.93
N ASN A 73 66.27 8.62 -23.00
CA ASN A 73 67.31 9.42 -23.62
C ASN A 73 68.46 9.74 -22.67
N SER A 74 68.74 8.87 -21.71
CA SER A 74 69.89 9.00 -20.82
C SER A 74 69.85 10.34 -20.07
N THR A 75 68.68 10.70 -19.56
CA THR A 75 68.52 11.84 -18.68
C THR A 75 67.77 11.39 -17.43
N TYR A 76 67.91 12.17 -16.37
CA TYR A 76 67.16 11.93 -15.14
C TYR A 76 65.89 12.76 -15.15
N ARG A 77 64.93 12.34 -14.32
CA ARG A 77 63.67 13.07 -14.14
C ARG A 77 63.40 13.18 -12.65
N VAL A 78 63.58 14.38 -12.10
CA VAL A 78 63.34 14.64 -10.69
C VAL A 78 61.98 15.28 -10.55
N VAL A 79 61.20 14.83 -9.56
CA VAL A 79 59.84 15.30 -9.34
C VAL A 79 59.71 15.70 -7.88
N SER A 80 59.32 16.95 -7.63
CA SER A 80 59.07 17.45 -6.29
C SER A 80 57.57 17.59 -6.08
N VAL A 81 57.08 17.08 -4.95
CA VAL A 81 55.66 17.04 -4.66
C VAL A 81 55.40 17.88 -3.42
N LEU A 82 54.56 18.90 -3.56
CA LEU A 82 54.16 19.77 -2.46
C LEU A 82 52.67 19.53 -2.19
N THR A 83 52.37 18.87 -1.08
CA THR A 83 50.98 18.65 -0.69
C THR A 83 50.37 19.96 -0.20
N VAL A 84 49.19 20.29 -0.73
CA VAL A 84 48.60 21.61 -0.51
C VAL A 84 47.29 21.45 0.25
N LEU A 85 46.83 22.57 0.81
CA LEU A 85 45.56 22.63 1.51
C LEU A 85 44.44 22.97 0.54
N HIS A 86 43.24 22.48 0.86
CA HIS A 86 42.08 22.72 -0.01
C HIS A 86 41.72 24.19 -0.02
N GLN A 87 41.71 24.84 1.16
CA GLN A 87 41.36 26.24 1.24
C GLN A 87 42.35 27.11 0.46
N ASP A 88 43.65 26.83 0.61
CA ASP A 88 44.67 27.68 0.01
C ASP A 88 44.59 27.65 -1.52
N TRP A 89 44.40 26.47 -2.09
CA TRP A 89 44.31 26.37 -3.54
C TRP A 89 43.01 26.98 -4.06
N LEU A 90 41.89 26.71 -3.38
CA LEU A 90 40.61 27.23 -3.84
C LEU A 90 40.52 28.74 -3.70
N ASN A 91 41.26 29.32 -2.75
CA ASN A 91 41.28 30.76 -2.57
C ASN A 91 42.34 31.44 -3.42
N GLY A 92 42.94 30.73 -4.37
CA GLY A 92 43.75 31.37 -5.40
C GLY A 92 45.18 31.67 -5.03
N LYS A 93 45.77 30.94 -4.08
CA LYS A 93 47.15 31.18 -3.71
C LYS A 93 48.08 30.68 -4.81
N GLU A 94 49.15 31.45 -5.05
CA GLU A 94 50.12 31.09 -6.07
C GLU A 94 51.14 30.11 -5.49
N TYR A 95 51.33 28.98 -6.18
CA TYR A 95 52.32 27.98 -5.82
C TYR A 95 53.48 28.08 -6.81
N LYS A 96 54.68 28.35 -6.31
CA LYS A 96 55.83 28.70 -7.12
C LYS A 96 56.98 27.73 -6.84
N CYS A 97 57.52 27.14 -7.90
CA CYS A 97 58.58 26.14 -7.81
C CYS A 97 59.85 26.73 -8.41
N LYS A 98 60.89 26.86 -7.58
CA LYS A 98 62.19 27.38 -8.03
C LYS A 98 63.15 26.20 -8.15
N VAL A 99 63.42 25.77 -9.37
CA VAL A 99 64.39 24.71 -9.64
C VAL A 99 65.75 25.34 -9.88
N SER A 100 66.80 24.65 -9.44
CA SER A 100 68.17 25.15 -9.58
C SER A 100 69.09 24.00 -9.95
N ASN A 101 69.92 24.20 -10.97
CA ASN A 101 70.83 23.18 -11.45
C ASN A 101 72.08 23.85 -12.00
N LYS A 102 73.16 23.07 -12.09
CA LYS A 102 74.42 23.59 -12.62
C LYS A 102 74.32 23.89 -14.11
N ALA A 103 73.57 23.07 -14.86
CA ALA A 103 73.45 23.28 -16.30
C ALA A 103 72.60 24.49 -16.63
N LEU A 104 71.80 24.98 -15.68
CA LEU A 104 70.98 26.17 -15.90
C LEU A 104 71.81 27.40 -15.58
N PRO A 105 72.06 28.31 -16.53
CA PRO A 105 72.75 29.56 -16.17
C PRO A 105 72.06 30.32 -15.05
N ALA A 106 70.72 30.35 -15.06
CA ALA A 106 69.93 30.91 -13.98
C ALA A 106 68.87 29.92 -13.55
N PRO A 107 68.46 29.94 -12.28
CA PRO A 107 67.41 29.01 -11.83
C PRO A 107 66.09 29.28 -12.54
N ILE A 108 65.30 28.23 -12.67
CA ILE A 108 63.98 28.30 -13.30
C ILE A 108 62.93 28.41 -12.22
N GLU A 109 62.03 29.38 -12.36
CA GLU A 109 60.90 29.55 -11.45
C GLU A 109 59.61 29.45 -12.25
N LYS A 110 58.66 28.68 -11.74
CA LYS A 110 57.38 28.47 -12.40
C LYS A 110 56.27 28.60 -11.36
N THR A 111 55.22 29.35 -11.70
CA THR A 111 54.16 29.68 -10.76
C THR A 111 52.82 29.16 -11.29
N ILE A 112 52.14 28.35 -10.49
CA ILE A 112 50.83 27.83 -10.82
C ILE A 112 49.85 28.35 -9.77
N SER A 113 48.56 28.36 -10.14
CA SER A 113 47.53 28.88 -9.26
C SER A 113 46.17 28.51 -9.83
N LYS A 114 45.13 28.82 -9.06
CA LYS A 114 43.77 28.71 -9.57
C LYS A 114 43.56 29.70 -10.71
N ALA A 115 42.77 29.30 -11.70
CA ALA A 115 42.41 30.23 -12.77
C ALA A 115 41.65 31.41 -12.20
N LYS A 116 42.06 32.61 -12.58
CA LYS A 116 41.56 33.85 -11.98
C LYS A 116 40.44 34.40 -12.84
N GLY A 117 39.22 34.36 -12.34
CA GLY A 117 38.09 34.90 -13.08
C GLY A 117 36.76 34.53 -12.45
N GLN A 118 35.71 34.99 -13.12
CA GLN A 118 34.34 34.75 -12.69
C GLN A 118 34.04 33.26 -12.65
N PRO A 119 33.62 32.70 -11.51
CA PRO A 119 33.27 31.28 -11.46
C PRO A 119 31.85 31.04 -11.93
N ARG A 120 31.66 29.95 -12.67
CA ARG A 120 30.36 29.61 -13.24
C ARG A 120 30.10 28.12 -13.06
N GLU A 121 28.77 27.77 -12.89
CA GLU A 121 28.35 26.43 -12.52
C GLU A 121 28.06 25.59 -13.77
N PRO A 122 28.53 24.35 -13.84
CA PRO A 122 28.27 23.53 -15.03
C PRO A 122 26.82 23.09 -15.11
N GLN A 123 26.41 22.77 -16.34
CA GLN A 123 25.14 22.12 -16.62
C GLN A 123 25.45 20.77 -17.26
N VAL A 124 24.98 19.69 -16.65
CA VAL A 124 25.33 18.34 -17.07
C VAL A 124 24.15 17.74 -17.81
N TYR A 125 24.42 17.17 -18.99
CA TYR A 125 23.39 16.57 -19.82
C TYR A 125 23.91 15.28 -20.41
N THR A 126 23.16 14.18 -20.20
CA THR A 126 23.53 12.88 -20.76
C THR A 126 22.76 12.63 -22.04
N LEU A 127 23.48 12.24 -23.10
CA LEU A 127 22.89 11.89 -24.38
C LEU A 127 23.11 10.39 -24.65
N PRO A 128 22.12 9.67 -25.16
CA PRO A 128 22.32 8.26 -25.47
C PRO A 128 22.93 8.11 -26.85
N PRO A 129 23.41 6.92 -27.20
CA PRO A 129 24.00 6.72 -28.53
C PRO A 129 22.94 6.83 -29.61
N SER A 130 23.37 7.21 -30.80
CA SER A 130 22.50 7.18 -31.95
C SER A 130 22.22 5.73 -32.35
N ARG A 131 21.04 5.51 -32.93
CA ARG A 131 20.67 4.17 -33.38
C ARG A 131 21.76 3.57 -34.27
N ASP A 132 22.36 4.39 -35.14
CA ASP A 132 23.33 3.86 -36.10
C ASP A 132 24.59 3.36 -35.43
N GLU A 133 24.99 3.96 -34.32
CA GLU A 133 26.22 3.54 -33.65
C GLU A 133 26.16 2.10 -33.15
N TYR A 134 24.97 1.50 -33.10
CA TYR A 134 24.84 0.16 -32.55
C TYR A 134 25.39 -0.92 -33.47
N LEU A 135 25.44 -0.66 -34.79
CA LEU A 135 26.00 -1.64 -35.71
C LEU A 135 27.49 -1.80 -35.49
N SER A 136 28.17 -0.73 -35.07
CA SER A 136 29.62 -0.76 -34.90
C SER A 136 30.03 -1.77 -33.83
N ASP A 137 31.29 -1.73 -33.41
CA ASP A 137 31.79 -2.64 -32.39
C ASP A 137 31.70 -2.07 -30.99
N SER A 138 31.21 -0.84 -30.83
CA SER A 138 31.02 -0.26 -29.51
C SER A 138 30.07 0.93 -29.63
N VAL A 139 29.29 1.13 -28.57
CA VAL A 139 28.39 2.28 -28.48
C VAL A 139 28.95 3.25 -27.45
N SER A 140 28.62 4.52 -27.62
CA SER A 140 29.21 5.60 -26.83
C SER A 140 28.12 6.31 -26.04
N LEU A 141 28.22 6.27 -24.71
CA LEU A 141 27.39 7.07 -23.84
C LEU A 141 28.04 8.43 -23.68
N THR A 142 27.33 9.48 -24.06
CA THR A 142 27.88 10.84 -24.08
C THR A 142 27.38 11.63 -22.89
N CYS A 143 28.27 12.39 -22.27
CA CYS A 143 27.93 13.25 -21.12
C CYS A 143 28.43 14.66 -21.43
N LEU A 144 27.52 15.54 -21.78
CA LEU A 144 27.87 16.92 -22.07
C LEU A 144 27.95 17.72 -20.78
N VAL A 145 29.05 18.47 -20.62
CA VAL A 145 29.22 19.40 -19.51
C VAL A 145 29.41 20.78 -20.12
N LYS A 146 28.54 21.71 -19.75
CA LYS A 146 28.35 22.95 -20.50
C LYS A 146 28.37 24.15 -19.56
N GLY A 147 28.92 25.26 -20.07
CA GLY A 147 28.84 26.54 -19.41
C GLY A 147 29.37 26.56 -17.98
N PHE A 148 30.64 26.20 -17.81
CA PHE A 148 31.27 26.18 -16.50
C PHE A 148 32.54 27.02 -16.54
N TYR A 149 33.09 27.27 -15.37
CA TYR A 149 34.29 28.10 -15.23
C TYR A 149 34.78 28.03 -13.78
N PRO A 150 36.09 27.80 -13.58
CA PRO A 150 37.15 27.62 -14.57
C PRO A 150 37.20 26.20 -15.14
N SER A 151 38.27 25.87 -15.87
CA SER A 151 38.34 24.61 -16.59
C SER A 151 38.60 23.42 -15.68
N ASP A 152 39.13 23.63 -14.48
CA ASP A 152 39.36 22.55 -13.54
C ASP A 152 38.06 21.80 -13.25
N ILE A 153 37.95 20.56 -13.71
CA ILE A 153 36.74 19.78 -13.54
C ILE A 153 37.10 18.30 -13.63
N ALA A 154 36.39 17.48 -12.87
CA ALA A 154 36.61 16.04 -12.83
C ALA A 154 35.31 15.32 -13.16
N VAL A 155 35.39 14.37 -14.09
CA VAL A 155 34.21 13.70 -14.62
C VAL A 155 34.45 12.19 -14.61
N GLU A 156 33.54 11.44 -13.98
CA GLU A 156 33.63 9.99 -13.89
C GLU A 156 32.34 9.37 -14.39
N TRP A 157 32.35 8.05 -14.49
CA TRP A 157 31.17 7.27 -14.83
C TRP A 157 30.98 6.17 -13.81
N GLU A 158 29.77 5.62 -13.76
CA GLU A 158 29.46 4.53 -12.86
C GLU A 158 28.06 3.99 -13.17
N SER A 159 27.88 2.68 -13.06
CA SER A 159 26.60 2.04 -13.25
C SER A 159 26.30 1.16 -12.05
N ASN A 160 25.07 1.23 -11.56
CA ASN A 160 24.67 0.53 -10.34
C ASN A 160 25.58 0.90 -9.18
N GLY A 161 26.10 2.13 -9.20
CA GLY A 161 26.98 2.61 -8.15
C GLY A 161 28.41 2.17 -8.27
N GLN A 162 28.79 1.51 -9.36
CA GLN A 162 30.14 0.98 -9.53
C GLN A 162 30.86 1.74 -10.62
N PRO A 163 32.05 2.30 -10.35
CA PRO A 163 32.74 3.10 -11.38
C PRO A 163 32.97 2.30 -12.66
N GLU A 164 32.80 2.98 -13.79
CA GLU A 164 33.16 2.47 -15.10
C GLU A 164 34.36 3.26 -15.62
N ASN A 165 35.27 2.59 -16.33
CA ASN A 165 36.53 3.19 -16.72
C ASN A 165 36.88 2.80 -18.15
N ASN A 166 35.95 3.05 -19.08
CA ASN A 166 36.23 3.00 -20.52
C ASN A 166 35.98 4.35 -21.17
N TYR A 167 35.95 5.42 -20.37
CA TYR A 167 35.50 6.72 -20.83
C TYR A 167 36.70 7.58 -21.24
N LYS A 168 36.46 8.45 -22.23
CA LYS A 168 37.45 9.38 -22.74
C LYS A 168 36.83 10.76 -22.80
N THR A 169 37.44 11.71 -22.10
CA THR A 169 36.92 13.07 -22.01
C THR A 169 37.77 14.02 -22.84
N THR A 170 37.13 14.94 -23.53
CA THR A 170 37.82 15.94 -24.32
C THR A 170 38.43 16.99 -23.41
N PRO A 171 39.34 17.82 -23.93
CA PRO A 171 39.79 18.99 -23.18
C PRO A 171 38.71 20.06 -23.17
N PRO A 172 38.57 20.81 -22.08
CA PRO A 172 37.62 21.93 -22.08
C PRO A 172 37.85 22.84 -23.27
N VAL A 173 36.77 23.39 -23.80
CA VAL A 173 36.80 24.25 -24.98
C VAL A 173 36.11 25.57 -24.65
N LEU A 174 36.63 26.66 -25.21
CA LEU A 174 36.07 27.97 -24.96
C LEU A 174 34.80 28.15 -25.80
N ASP A 175 33.69 28.44 -25.14
CA ASP A 175 32.46 28.75 -25.86
C ASP A 175 32.47 30.20 -26.31
N SER A 176 31.53 30.53 -27.20
CA SER A 176 31.44 31.89 -27.71
C SER A 176 31.22 32.90 -26.59
N ASP A 177 30.63 32.47 -25.48
CA ASP A 177 30.29 33.38 -24.38
C ASP A 177 31.43 33.57 -23.38
N GLY A 178 32.39 32.65 -23.33
CA GLY A 178 33.48 32.71 -22.38
C GLY A 178 33.57 31.48 -21.48
N SER A 179 32.43 30.92 -21.11
CA SER A 179 32.42 29.70 -20.31
C SER A 179 33.00 28.54 -21.12
N PHE A 180 33.29 27.45 -20.43
CA PHE A 180 33.89 26.27 -21.03
C PHE A 180 32.84 25.17 -21.23
N PHE A 181 33.11 24.30 -22.19
CA PHE A 181 32.29 23.12 -22.44
C PHE A 181 33.19 21.97 -22.82
N LEU A 182 32.71 20.75 -22.59
CA LEU A 182 33.42 19.56 -23.02
C LEU A 182 32.42 18.43 -23.17
N TYR A 183 32.90 17.31 -23.70
CA TYR A 183 32.14 16.08 -23.80
C TYR A 183 32.94 14.95 -23.17
N SER A 184 32.24 13.91 -22.75
CA SER A 184 32.85 12.67 -22.30
C SER A 184 32.20 11.52 -23.04
N LYS A 185 32.98 10.49 -23.33
CA LYS A 185 32.56 9.40 -24.20
C LYS A 185 32.87 8.07 -23.50
N LEU A 186 31.87 7.51 -22.82
CA LEU A 186 32.02 6.19 -22.22
C LEU A 186 31.83 5.14 -23.32
N THR A 187 32.90 4.41 -23.63
CA THR A 187 32.83 3.37 -24.64
C THR A 187 32.23 2.11 -24.01
N VAL A 188 31.15 1.61 -24.62
CA VAL A 188 30.52 0.38 -24.18
C VAL A 188 30.80 -0.68 -25.24
N PRO A 189 31.83 -1.52 -25.07
CA PRO A 189 32.20 -2.44 -26.14
C PRO A 189 31.11 -3.45 -26.42
N ARG A 190 31.08 -3.92 -27.66
CA ARG A 190 30.26 -5.07 -28.02
C ARG A 190 30.64 -6.27 -27.16
N HIS A 191 29.63 -7.02 -26.73
CA HIS A 191 29.79 -8.19 -25.88
C HIS A 191 30.23 -7.84 -24.46
N SER A 192 30.28 -6.56 -24.11
CA SER A 192 30.86 -6.16 -22.83
C SER A 192 29.84 -6.32 -21.70
N GLU A 193 30.37 -6.51 -20.48
CA GLU A 193 29.51 -6.48 -19.30
C GLU A 193 28.80 -5.14 -19.18
N THR A 194 29.51 -4.05 -19.43
CA THR A 194 28.89 -2.73 -19.44
C THR A 194 27.82 -2.61 -20.52
N MET A 195 27.87 -3.46 -21.54
CA MET A 195 26.83 -3.48 -22.56
C MET A 195 25.57 -4.16 -22.05
N ARG A 196 25.73 -5.33 -21.43
CA ARG A 196 24.58 -6.03 -20.87
C ARG A 196 23.85 -5.15 -19.87
N ARG A 197 24.59 -4.44 -19.01
CA ARG A 197 23.96 -3.49 -18.11
C ARG A 197 23.24 -2.39 -18.88
N TRP A 198 23.78 -2.01 -20.03
CA TRP A 198 23.15 -0.96 -20.83
C TRP A 198 21.87 -1.45 -21.49
N ALA A 199 21.92 -2.63 -22.13
CA ALA A 199 20.76 -3.15 -22.83
C ALA A 199 19.66 -3.56 -21.86
N HIS A 200 20.01 -4.01 -20.66
CA HIS A 200 19.02 -4.30 -19.63
C HIS A 200 18.45 -3.03 -19.01
N GLY A 201 18.94 -1.86 -19.40
CA GLY A 201 18.40 -0.61 -18.91
C GLY A 201 18.92 -0.18 -17.56
N ASN A 202 19.96 -0.82 -17.06
CA ASN A 202 20.52 -0.42 -15.77
C ASN A 202 20.96 1.04 -15.80
N VAL A 203 21.03 1.65 -14.62
CA VAL A 203 21.33 3.06 -14.50
C VAL A 203 22.81 3.28 -14.73
N PHE A 204 23.14 4.04 -15.77
CA PHE A 204 24.48 4.60 -15.95
C PHE A 204 24.45 6.05 -15.48
N SER A 205 25.53 6.48 -14.82
CA SER A 205 25.55 7.76 -14.12
C SER A 205 26.85 8.48 -14.42
N CYS A 206 26.74 9.71 -14.92
CA CYS A 206 27.89 10.56 -15.21
C CYS A 206 28.11 11.51 -14.04
N SER A 207 29.15 11.26 -13.25
CA SER A 207 29.47 12.08 -12.10
C SER A 207 30.34 13.26 -12.51
N VAL A 208 30.06 14.43 -11.95
CA VAL A 208 30.81 15.64 -12.22
C VAL A 208 31.19 16.30 -10.90
N MET A 209 32.41 16.82 -10.85
CA MET A 209 32.93 17.51 -9.67
C MET A 209 33.57 18.82 -10.12
N HIS A 210 33.01 19.94 -9.65
CA HIS A 210 33.48 21.25 -10.05
C HIS A 210 33.29 22.23 -8.90
N GLU A 211 34.07 23.30 -8.91
CA GLU A 211 34.05 24.26 -7.81
C GLU A 211 32.66 24.85 -7.62
N ALA A 212 32.12 25.49 -8.66
CA ALA A 212 30.89 26.26 -8.54
C ALA A 212 29.67 25.40 -8.24
N LEU A 213 29.75 24.09 -8.42
CA LEU A 213 28.64 23.22 -8.06
C LEU A 213 28.40 23.30 -6.56
N HIS A 214 27.14 23.38 -6.17
CA HIS A 214 26.80 23.35 -4.76
C HIS A 214 27.13 21.97 -4.19
N ASN A 215 27.91 21.94 -3.13
CA ASN A 215 28.48 20.71 -2.60
C ASN A 215 29.55 20.14 -3.52
N HIS A 216 30.03 20.95 -4.47
CA HIS A 216 31.11 20.56 -5.37
C HIS A 216 30.83 19.21 -6.05
N TYR A 217 29.58 18.98 -6.42
CA TYR A 217 29.23 17.69 -7.00
C TYR A 217 27.83 17.73 -7.58
N THR A 218 27.69 17.16 -8.78
CA THR A 218 26.41 16.86 -9.39
C THR A 218 26.61 15.69 -10.33
N GLN A 219 25.62 14.82 -10.44
CA GLN A 219 25.70 13.69 -11.35
C GLN A 219 24.37 13.47 -12.03
N LYS A 220 24.43 13.17 -13.33
CA LYS A 220 23.26 12.98 -14.17
C LYS A 220 23.12 11.50 -14.51
N SER A 221 21.89 11.01 -14.53
CA SER A 221 21.61 9.62 -14.83
C SER A 221 21.40 9.43 -16.34
N LEU A 222 21.39 8.17 -16.76
CA LEU A 222 21.18 7.82 -18.16
C LEU A 222 20.88 6.35 -18.32
N SER A 223 19.82 6.01 -19.06
CA SER A 223 19.49 4.61 -19.33
C SER A 223 18.84 4.53 -20.71
N LEU A 224 18.57 3.30 -21.13
CA LEU A 224 18.07 3.03 -22.47
C LEU A 224 16.56 3.27 -22.54
N SER A 225 16.16 4.12 -23.49
CA SER A 225 14.75 4.34 -23.81
C SER A 225 13.90 4.54 -22.57
N THR B 1 -11.17 5.14 13.26
CA THR B 1 -11.78 3.97 13.88
C THR B 1 -13.18 4.28 14.42
N GLN B 2 -13.53 5.58 14.48
CA GLN B 2 -14.85 6.01 14.93
C GLN B 2 -15.94 5.11 14.37
N VAL B 3 -15.77 4.66 13.13
CA VAL B 3 -16.77 3.87 12.43
C VAL B 3 -16.16 2.53 12.06
N CYS B 4 -16.87 1.44 12.37
CA CYS B 4 -16.48 0.12 11.95
C CYS B 4 -17.70 -0.59 11.35
N THR B 5 -17.44 -1.59 10.53
CA THR B 5 -18.51 -2.43 10.04
C THR B 5 -18.92 -3.42 11.12
N GLY B 6 -20.13 -3.95 10.99
CA GLY B 6 -20.60 -4.94 11.93
C GLY B 6 -20.27 -6.34 11.47
N THR B 7 -21.23 -7.25 11.61
CA THR B 7 -21.12 -8.60 11.07
C THR B 7 -22.51 -9.06 10.66
N ASP B 8 -22.56 -10.21 9.96
CA ASP B 8 -23.81 -10.81 9.55
C ASP B 8 -23.71 -12.33 9.62
N MET B 9 -23.14 -12.84 10.71
CA MET B 9 -23.00 -14.26 10.95
C MET B 9 -24.10 -14.81 11.84
N LYS B 10 -25.14 -14.01 12.09
CA LYS B 10 -26.24 -14.33 13.00
C LYS B 10 -26.35 -15.80 13.42
N LEU B 11 -25.84 -16.12 14.61
CA LEU B 11 -26.19 -17.36 15.31
C LEU B 11 -25.56 -18.59 14.69
N ARG B 12 -24.54 -18.44 13.85
CA ARG B 12 -23.89 -19.56 13.19
C ARG B 12 -22.57 -19.85 13.91
N LEU B 13 -22.32 -21.11 14.18
CA LEU B 13 -21.12 -21.55 14.86
C LEU B 13 -19.89 -21.00 14.15
N PRO B 14 -19.10 -20.13 14.78
CA PRO B 14 -17.88 -19.66 14.14
C PRO B 14 -16.93 -20.83 13.88
N ALA B 15 -16.14 -20.68 12.83
CA ALA B 15 -15.27 -21.78 12.38
C ALA B 15 -14.20 -22.08 13.43
N SER B 16 -13.32 -21.13 13.69
CA SER B 16 -12.30 -21.30 14.71
C SER B 16 -12.56 -20.37 15.89
N PRO B 17 -12.56 -20.85 17.13
CA PRO B 17 -12.91 -19.95 18.24
C PRO B 17 -11.84 -18.92 18.53
N GLU B 18 -10.55 -19.29 18.44
CA GLU B 18 -9.50 -18.31 18.67
C GLU B 18 -9.66 -17.11 17.75
N THR B 19 -9.86 -17.37 16.45
CA THR B 19 -9.96 -16.28 15.49
C THR B 19 -11.21 -15.45 15.72
N HIS B 20 -12.30 -16.11 16.13
CA HIS B 20 -13.55 -15.38 16.40
C HIS B 20 -13.34 -14.31 17.45
N LEU B 21 -12.61 -14.65 18.53
CA LEU B 21 -12.29 -13.66 19.56
C LEU B 21 -11.41 -12.56 19.00
N ASP B 22 -10.29 -12.93 18.38
CA ASP B 22 -9.41 -11.94 17.78
C ASP B 22 -10.15 -11.11 16.73
N MET B 23 -11.04 -11.75 15.96
CA MET B 23 -11.79 -11.04 14.94
C MET B 23 -12.59 -9.91 15.55
N LEU B 24 -13.38 -10.21 16.58
CA LEU B 24 -14.14 -9.17 17.28
C LEU B 24 -13.22 -8.09 17.82
N ARG B 25 -12.05 -8.48 18.35
CA ARG B 25 -11.10 -7.50 18.86
C ARG B 25 -10.68 -6.54 17.75
N HIS B 26 -10.08 -7.06 16.67
CA HIS B 26 -9.65 -6.21 15.57
C HIS B 26 -10.78 -5.34 15.05
N LEU B 27 -12.01 -5.83 15.11
CA LEU B 27 -13.12 -5.16 14.45
C LEU B 27 -13.63 -3.98 15.27
N TYR B 28 -14.04 -4.23 16.51
CA TYR B 28 -14.65 -3.21 17.35
C TYR B 28 -13.66 -2.46 18.21
N GLN B 29 -12.36 -2.75 18.10
CA GLN B 29 -11.35 -2.00 18.84
C GLN B 29 -11.48 -0.51 18.58
N GLY B 30 -11.76 0.25 19.62
CA GLY B 30 -11.92 1.69 19.49
C GLY B 30 -13.10 2.13 18.65
N CYS B 31 -13.98 1.20 18.25
CA CYS B 31 -15.12 1.53 17.42
C CYS B 31 -16.20 2.20 18.26
N GLN B 32 -16.74 3.31 17.74
CA GLN B 32 -17.82 4.03 18.39
C GLN B 32 -19.17 3.87 17.70
N VAL B 33 -19.18 3.64 16.38
CA VAL B 33 -20.41 3.47 15.62
C VAL B 33 -20.29 2.21 14.78
N VAL B 34 -21.18 1.26 15.02
CA VAL B 34 -21.19 -0.01 14.30
C VAL B 34 -22.14 0.15 13.11
N GLN B 35 -21.57 0.39 11.93
CA GLN B 35 -22.35 0.36 10.69
C GLN B 35 -22.60 -1.10 10.37
N GLY B 36 -23.70 -1.63 10.90
CA GLY B 36 -24.00 -3.04 10.76
C GLY B 36 -24.61 -3.63 12.01
N ASN B 37 -24.26 -4.88 12.31
CA ASN B 37 -24.84 -5.60 13.44
C ASN B 37 -23.76 -5.92 14.46
N LEU B 38 -24.08 -5.70 15.73
CA LEU B 38 -23.20 -6.07 16.84
C LEU B 38 -23.59 -7.48 17.27
N GLU B 39 -22.79 -8.48 16.88
CA GLU B 39 -23.09 -9.88 17.11
C GLU B 39 -22.01 -10.48 17.99
N LEU B 40 -22.36 -10.74 19.24
CA LEU B 40 -21.45 -11.33 20.22
C LEU B 40 -21.95 -12.73 20.50
N THR B 41 -21.16 -13.73 20.09
CA THR B 41 -21.63 -15.10 20.05
C THR B 41 -20.52 -16.07 20.43
N TYR B 42 -20.89 -17.14 21.12
CA TYR B 42 -19.99 -18.25 21.42
C TYR B 42 -18.72 -17.77 22.11
N LEU B 43 -18.87 -16.81 23.02
CA LEU B 43 -17.72 -16.29 23.76
C LEU B 43 -17.56 -17.05 25.07
N PRO B 44 -16.36 -17.52 25.41
CA PRO B 44 -16.20 -18.31 26.63
C PRO B 44 -16.14 -17.45 27.88
N THR B 45 -16.12 -18.13 29.02
CA THR B 45 -16.13 -17.45 30.31
C THR B 45 -14.88 -16.59 30.49
N ASN B 46 -13.71 -17.17 30.17
CA ASN B 46 -12.43 -16.50 30.40
C ASN B 46 -12.10 -15.56 29.25
N ALA B 47 -13.07 -14.74 28.83
CA ALA B 47 -12.92 -13.89 27.66
C ALA B 47 -13.01 -12.43 28.08
N SER B 48 -12.18 -11.60 27.45
CA SER B 48 -12.16 -10.16 27.68
C SER B 48 -12.86 -9.45 26.53
N LEU B 49 -13.75 -8.53 26.86
CA LEU B 49 -14.55 -7.81 25.87
C LEU B 49 -14.42 -6.30 26.07
N SER B 50 -13.21 -5.85 26.40
CA SER B 50 -13.01 -4.43 26.71
C SER B 50 -13.12 -3.55 25.47
N PHE B 51 -12.77 -4.10 24.31
CA PHE B 51 -12.83 -3.32 23.07
C PHE B 51 -14.24 -2.79 22.78
N LEU B 52 -15.27 -3.43 23.34
CA LEU B 52 -16.64 -3.00 23.09
C LEU B 52 -17.01 -1.73 23.85
N GLN B 53 -16.13 -1.21 24.71
CA GLN B 53 -16.55 -0.20 25.67
C GLN B 53 -17.04 1.08 24.98
N ASP B 54 -16.39 1.47 23.88
CA ASP B 54 -16.66 2.77 23.26
C ASP B 54 -17.82 2.75 22.27
N ILE B 55 -18.44 1.60 22.03
CA ILE B 55 -19.59 1.53 21.13
C ILE B 55 -20.70 2.40 21.68
N GLN B 56 -21.12 3.40 20.89
CA GLN B 56 -22.26 4.25 21.22
C GLN B 56 -23.49 3.95 20.39
N GLU B 57 -23.32 3.80 19.07
CA GLU B 57 -24.43 3.55 18.16
C GLU B 57 -24.26 2.20 17.49
N VAL B 58 -25.38 1.53 17.24
CA VAL B 58 -25.44 0.36 16.38
C VAL B 58 -26.52 0.61 15.34
N GLN B 59 -26.13 0.69 14.07
CA GLN B 59 -27.11 0.94 13.02
C GLN B 59 -28.05 -0.25 12.84
N GLY B 60 -27.50 -1.46 12.88
CA GLY B 60 -28.30 -2.66 12.70
C GLY B 60 -28.93 -3.15 13.98
N TYR B 61 -28.83 -4.44 14.23
CA TYR B 61 -29.39 -5.04 15.45
C TYR B 61 -28.25 -5.54 16.34
N VAL B 62 -28.63 -5.96 17.55
CA VAL B 62 -27.69 -6.43 18.55
C VAL B 62 -28.10 -7.84 18.95
N LEU B 63 -27.18 -8.78 18.80
CA LEU B 63 -27.44 -10.19 19.07
C LEU B 63 -26.38 -10.70 20.06
N ILE B 64 -26.83 -11.12 21.23
CA ILE B 64 -25.95 -11.65 22.27
C ILE B 64 -26.45 -13.06 22.56
N ALA B 65 -25.76 -14.07 22.04
CA ALA B 65 -26.27 -15.43 22.08
C ALA B 65 -25.15 -16.44 22.30
N HIS B 66 -25.45 -17.47 23.10
CA HIS B 66 -24.56 -18.63 23.25
C HIS B 66 -23.22 -18.25 23.87
N ASN B 67 -23.24 -17.38 24.88
CA ASN B 67 -22.03 -16.88 25.51
C ASN B 67 -21.93 -17.37 26.94
N GLN B 68 -20.77 -17.92 27.30
CA GLN B 68 -20.48 -18.23 28.69
C GLN B 68 -19.98 -17.01 29.46
N VAL B 69 -19.52 -15.97 28.77
CA VAL B 69 -19.04 -14.78 29.46
C VAL B 69 -20.17 -14.19 30.30
N ARG B 70 -19.78 -13.46 31.35
CA ARG B 70 -20.70 -13.06 32.40
C ARG B 70 -21.28 -11.67 32.22
N GLN B 71 -20.57 -10.78 31.54
CA GLN B 71 -21.17 -9.51 31.16
C GLN B 71 -20.45 -8.96 29.94
N VAL B 72 -21.11 -8.03 29.28
CA VAL B 72 -20.63 -7.38 28.06
C VAL B 72 -20.60 -5.88 28.31
N PRO B 73 -19.41 -5.19 28.25
CA PRO B 73 -19.34 -3.76 28.62
C PRO B 73 -19.90 -2.83 27.55
N LEU B 74 -21.23 -2.77 27.48
CA LEU B 74 -21.91 -1.87 26.56
C LEU B 74 -22.67 -0.80 27.33
N GLN B 75 -21.96 -0.08 28.21
CA GLN B 75 -22.57 0.98 28.99
C GLN B 75 -22.79 2.25 28.17
N ARG B 76 -21.89 2.55 27.23
CA ARG B 76 -21.99 3.76 26.44
C ARG B 76 -22.98 3.65 25.29
N LEU B 77 -23.50 2.45 25.02
CA LEU B 77 -24.48 2.24 23.96
C LEU B 77 -25.74 3.05 24.22
N ARG B 78 -26.01 4.05 23.38
CA ARG B 78 -27.17 4.93 23.55
C ARG B 78 -28.33 4.56 22.64
N ILE B 79 -28.05 4.20 21.38
CA ILE B 79 -29.09 4.04 20.39
C ILE B 79 -28.85 2.78 19.56
N VAL B 80 -29.94 2.15 19.16
CA VAL B 80 -29.93 1.02 18.24
C VAL B 80 -30.98 1.32 17.17
N ARG B 81 -30.53 1.65 15.97
CA ARG B 81 -31.46 2.10 14.94
C ARG B 81 -32.26 0.94 14.34
N GLY B 82 -31.63 -0.23 14.23
CA GLY B 82 -32.37 -1.41 13.79
C GLY B 82 -32.79 -1.40 12.35
N THR B 83 -31.94 -0.91 11.45
CA THR B 83 -32.26 -0.97 10.03
C THR B 83 -32.45 -2.42 9.59
N GLN B 84 -31.50 -3.29 9.97
CA GLN B 84 -31.72 -4.73 9.93
C GLN B 84 -32.35 -5.18 11.25
N LEU B 85 -33.02 -6.33 11.20
CA LEU B 85 -33.65 -6.90 12.38
C LEU B 85 -33.43 -8.40 12.41
N PHE B 86 -33.08 -8.91 13.60
CA PHE B 86 -32.86 -10.33 13.77
C PHE B 86 -34.18 -11.08 13.59
N GLU B 87 -34.15 -12.14 12.78
CA GLU B 87 -35.36 -12.89 12.44
C GLU B 87 -36.45 -11.96 11.93
N ASP B 88 -36.04 -10.89 11.25
CA ASP B 88 -36.95 -9.90 10.68
C ASP B 88 -37.96 -9.41 11.72
N ASN B 89 -37.46 -9.00 12.88
CA ASN B 89 -38.35 -8.55 13.93
C ASN B 89 -37.71 -7.79 15.08
N TYR B 90 -36.52 -8.19 15.52
CA TYR B 90 -35.96 -7.68 16.77
C TYR B 90 -34.68 -6.90 16.55
N ALA B 91 -34.57 -5.76 17.24
CA ALA B 91 -33.34 -5.00 17.30
C ALA B 91 -32.41 -5.50 18.39
N LEU B 92 -32.95 -6.14 19.43
CA LEU B 92 -32.17 -6.63 20.56
C LEU B 92 -32.56 -8.08 20.81
N ALA B 93 -31.56 -8.96 20.80
CA ALA B 93 -31.80 -10.39 20.91
C ALA B 93 -30.78 -11.00 21.87
N VAL B 94 -31.26 -11.46 23.02
CA VAL B 94 -30.42 -12.07 24.05
C VAL B 94 -30.92 -13.51 24.22
N LEU B 95 -30.11 -14.49 23.80
CA LEU B 95 -30.55 -15.87 23.69
C LEU B 95 -29.56 -16.83 24.32
N ASP B 96 -30.09 -17.79 25.09
CA ASP B 96 -29.30 -18.90 25.66
C ASP B 96 -28.31 -18.31 26.67
N ASN B 97 -27.00 -18.54 26.53
CA ASN B 97 -25.99 -17.99 27.43
C ASN B 97 -25.98 -18.69 28.78
N GLY B 98 -25.70 -19.99 28.83
CA GLY B 98 -25.65 -20.69 30.10
C GLY B 98 -24.95 -22.04 29.99
N ASP B 99 -24.31 -22.43 31.09
CA ASP B 99 -23.59 -23.69 31.23
C ASP B 99 -24.46 -24.87 30.77
N PRO B 100 -24.03 -25.64 29.74
CA PRO B 100 -24.78 -26.84 29.36
C PRO B 100 -24.20 -28.16 29.85
N LEU B 101 -22.96 -28.15 30.36
CA LEU B 101 -22.31 -29.40 30.77
C LEU B 101 -21.10 -29.09 31.64
N ASN B 102 -20.73 -30.06 32.47
CA ASN B 102 -19.54 -29.96 33.31
C ASN B 102 -18.34 -29.44 32.53
N THR B 108 -12.67 -28.35 39.82
CA THR B 108 -13.80 -27.57 39.30
C THR B 108 -13.51 -26.08 39.36
N GLY B 109 -12.92 -25.65 40.47
CA GLY B 109 -12.68 -24.23 40.72
C GLY B 109 -13.88 -23.60 41.43
N ALA B 110 -14.49 -22.62 40.78
CA ALA B 110 -15.71 -22.02 41.33
C ALA B 110 -16.31 -21.11 40.28
N SER B 111 -17.53 -20.65 40.58
CA SER B 111 -18.30 -19.70 39.80
C SER B 111 -19.14 -20.40 38.75
N PRO B 112 -20.23 -19.76 38.26
CA PRO B 112 -21.04 -20.37 37.21
C PRO B 112 -20.89 -19.67 35.87
N GLY B 113 -21.42 -20.25 34.81
CA GLY B 113 -21.36 -19.66 33.49
C GLY B 113 -22.67 -19.03 33.07
N GLY B 114 -22.57 -17.95 32.30
CA GLY B 114 -23.74 -17.31 31.75
C GLY B 114 -23.76 -15.81 31.96
N LEU B 115 -24.51 -15.10 31.12
CA LEU B 115 -24.68 -13.67 31.29
C LEU B 115 -25.40 -13.37 32.59
N ARG B 116 -25.13 -12.19 33.15
CA ARG B 116 -25.70 -11.80 34.44
C ARG B 116 -26.58 -10.56 34.33
N GLU B 117 -26.01 -9.41 33.95
CA GLU B 117 -26.77 -8.17 33.83
C GLU B 117 -26.49 -7.55 32.47
N LEU B 118 -27.54 -7.00 31.85
CA LEU B 118 -27.37 -6.32 30.57
C LEU B 118 -26.51 -5.07 30.73
N GLN B 119 -26.87 -4.19 31.67
CA GLN B 119 -26.10 -2.98 31.95
C GLN B 119 -26.01 -2.08 30.72
N LEU B 120 -27.14 -1.94 30.02
CA LEU B 120 -27.23 -1.01 28.90
C LEU B 120 -27.66 0.35 29.41
N ARG B 121 -26.76 0.95 30.20
CA ARG B 121 -27.10 2.15 30.98
C ARG B 121 -27.52 3.30 30.09
N SER B 122 -26.83 3.48 28.95
CA SER B 122 -27.10 4.60 28.08
C SER B 122 -28.18 4.31 27.05
N LEU B 123 -28.55 3.04 26.86
CA LEU B 123 -29.49 2.67 25.82
C LEU B 123 -30.87 3.26 26.09
N THR B 124 -31.16 4.41 25.48
CA THR B 124 -32.44 5.09 25.66
C THR B 124 -33.20 5.24 24.35
N GLU B 125 -32.77 4.57 23.28
CA GLU B 125 -33.46 4.68 21.99
C GLU B 125 -33.35 3.37 21.23
N ILE B 126 -34.49 2.87 20.76
CA ILE B 126 -34.55 1.79 19.79
C ILE B 126 -35.56 2.18 18.73
N LEU B 127 -35.06 2.78 17.64
CA LEU B 127 -35.94 3.34 16.63
C LEU B 127 -36.86 2.29 16.04
N LYS B 128 -36.30 1.38 15.24
CA LYS B 128 -37.07 0.37 14.54
C LYS B 128 -36.67 -0.99 15.10
N GLY B 129 -37.58 -1.63 15.83
CA GLY B 129 -37.34 -2.98 16.31
C GLY B 129 -37.86 -3.28 17.69
N GLY B 130 -37.83 -4.55 18.07
CA GLY B 130 -38.30 -4.99 19.37
C GLY B 130 -37.22 -5.70 20.17
N VAL B 131 -37.62 -6.44 21.20
CA VAL B 131 -36.69 -7.06 22.13
C VAL B 131 -37.01 -8.54 22.25
N LEU B 132 -35.97 -9.36 22.33
CA LEU B 132 -36.13 -10.81 22.51
C LEU B 132 -35.11 -11.28 23.54
N ILE B 133 -35.62 -11.88 24.63
CA ILE B 133 -34.76 -12.40 25.68
C ILE B 133 -35.30 -13.76 26.10
N GLN B 134 -34.63 -14.83 25.67
CA GLN B 134 -35.08 -16.19 25.91
C GLN B 134 -34.01 -16.95 26.68
N ARG B 135 -34.45 -17.75 27.65
CA ARG B 135 -33.52 -18.56 28.43
C ARG B 135 -32.66 -17.65 29.30
N ASN B 136 -31.35 -17.67 29.10
CA ASN B 136 -30.43 -16.82 29.84
C ASN B 136 -30.63 -16.98 31.35
N PRO B 137 -30.51 -18.20 31.86
CA PRO B 137 -30.48 -18.36 33.31
C PRO B 137 -29.33 -17.54 33.85
N GLN B 138 -29.56 -16.90 35.00
CA GLN B 138 -28.63 -15.97 35.64
C GLN B 138 -28.85 -14.55 35.13
N LEU B 139 -29.75 -14.34 34.18
CA LEU B 139 -30.04 -12.99 33.71
C LEU B 139 -31.04 -12.34 34.64
N CYS B 140 -30.68 -11.18 35.19
CA CYS B 140 -31.48 -10.49 36.18
C CYS B 140 -31.83 -9.08 35.71
N TYR B 141 -33.01 -8.61 36.14
CA TYR B 141 -33.47 -7.24 35.90
C TYR B 141 -33.85 -6.99 34.44
N GLN B 142 -34.14 -8.04 33.68
CA GLN B 142 -34.59 -7.89 32.30
C GLN B 142 -36.10 -7.67 32.20
N ASP B 143 -36.80 -7.63 33.32
CA ASP B 143 -38.23 -7.36 33.36
C ASP B 143 -38.55 -6.05 34.09
N THR B 144 -37.52 -5.26 34.42
CA THR B 144 -37.68 -4.04 35.20
C THR B 144 -37.52 -2.79 34.34
N ILE B 145 -37.60 -2.92 33.03
CA ILE B 145 -37.07 -1.91 32.13
C ILE B 145 -38.14 -0.93 31.66
N LEU B 146 -39.34 -1.40 31.35
CA LEU B 146 -40.31 -0.55 30.67
C LEU B 146 -39.72 -0.11 29.34
N TRP B 147 -39.76 -0.99 28.34
CA TRP B 147 -39.06 -0.74 27.08
C TRP B 147 -39.73 0.34 26.25
N LYS B 148 -41.02 0.60 26.47
CA LYS B 148 -41.72 1.58 25.65
C LYS B 148 -41.32 3.01 25.97
N ASP B 149 -40.38 3.22 26.91
CA ASP B 149 -39.64 4.47 26.96
C ASP B 149 -38.49 4.45 25.97
N ILE B 150 -37.86 3.29 25.80
CA ILE B 150 -36.75 3.15 24.87
C ILE B 150 -37.27 3.10 23.43
N PHE B 151 -38.35 2.36 23.20
CA PHE B 151 -38.96 2.35 21.88
C PHE B 151 -39.39 3.75 21.47
N HIS B 152 -39.06 4.13 20.24
CA HIS B 152 -39.44 5.44 19.74
C HIS B 152 -40.96 5.53 19.57
N LYS B 153 -41.44 6.76 19.39
CA LYS B 153 -42.87 6.98 19.16
C LYS B 153 -43.38 6.10 18.02
N ASN B 154 -42.59 5.98 16.95
CA ASN B 154 -42.96 5.15 15.81
C ASN B 154 -42.42 3.73 15.99
N ASN B 155 -43.02 2.80 15.27
CA ASN B 155 -42.71 1.38 15.41
C ASN B 155 -42.67 1.00 16.89
N GLN B 156 -43.61 1.59 17.64
CA GLN B 156 -43.79 1.26 19.05
C GLN B 156 -44.35 -0.15 19.23
N LEU B 157 -45.33 -0.51 18.39
CA LEU B 157 -45.90 -1.85 18.43
C LEU B 157 -44.85 -2.94 18.35
N ALA B 158 -43.64 -2.62 17.87
CA ALA B 158 -42.54 -3.57 17.80
C ALA B 158 -42.55 -4.48 19.02
N LEU B 159 -42.35 -5.76 18.77
CA LEU B 159 -42.65 -6.80 19.75
C LEU B 159 -41.72 -6.73 20.96
N THR B 160 -42.18 -7.34 22.05
CA THR B 160 -41.38 -7.58 23.24
C THR B 160 -41.66 -9.00 23.70
N LEU B 161 -40.61 -9.80 23.89
CA LEU B 161 -40.77 -11.21 24.22
C LEU B 161 -39.64 -11.59 25.17
N ILE B 162 -39.92 -11.56 26.47
CA ILE B 162 -38.90 -11.69 27.50
C ILE B 162 -39.21 -12.92 28.34
N ASP B 163 -38.30 -13.89 28.32
CA ASP B 163 -38.35 -15.04 29.22
C ASP B 163 -37.67 -14.66 30.52
N THR B 164 -38.26 -15.07 31.65
CA THR B 164 -37.72 -14.78 32.97
C THR B 164 -37.40 -16.04 33.76
N ASN B 165 -37.25 -17.18 33.08
CA ASN B 165 -36.65 -18.34 33.72
C ASN B 165 -35.29 -17.95 34.27
N ARG B 166 -34.93 -18.53 35.42
CA ARG B 166 -33.62 -18.29 36.01
C ARG B 166 -33.18 -19.52 36.78
N SER B 167 -31.87 -19.58 37.03
CA SER B 167 -31.29 -20.58 37.92
C SER B 167 -30.75 -19.95 39.19
N ARG B 168 -31.20 -18.74 39.52
CA ARG B 168 -30.76 -18.01 40.70
C ARG B 168 -31.70 -16.84 40.92
N ALA B 169 -31.72 -16.34 42.15
CA ALA B 169 -32.52 -15.18 42.52
C ALA B 169 -31.69 -13.91 42.43
N CYS B 170 -32.38 -12.79 42.34
CA CYS B 170 -31.75 -11.48 42.17
C CYS B 170 -32.11 -10.57 43.34
N HIS B 171 -31.15 -9.75 43.74
CA HIS B 171 -31.39 -8.74 44.76
C HIS B 171 -32.38 -7.72 44.24
N PRO B 172 -32.91 -6.86 45.12
CA PRO B 172 -33.65 -5.69 44.64
C PRO B 172 -32.73 -4.70 43.95
N CYS B 173 -33.35 -3.80 43.18
CA CYS B 173 -32.59 -2.69 42.62
C CYS B 173 -32.00 -1.85 43.75
N SER B 174 -31.09 -0.96 43.37
CA SER B 174 -30.52 -0.05 44.35
C SER B 174 -31.62 0.87 44.90
N PRO B 175 -31.59 1.19 46.20
CA PRO B 175 -32.61 2.11 46.74
C PRO B 175 -32.53 3.51 46.14
N MET B 176 -31.50 3.84 45.36
CA MET B 176 -31.42 5.14 44.73
C MET B 176 -32.26 5.22 43.46
N CYS B 177 -32.63 4.08 42.87
CA CYS B 177 -33.41 4.07 41.64
C CYS B 177 -34.90 4.18 41.94
N LYS B 178 -35.66 4.51 40.90
CA LYS B 178 -37.11 4.37 40.96
C LYS B 178 -37.49 2.89 41.07
N GLY B 179 -38.57 2.62 41.78
CA GLY B 179 -39.01 1.25 41.96
C GLY B 179 -39.13 0.50 40.66
N SER B 180 -38.39 -0.62 40.55
CA SER B 180 -38.44 -1.49 39.37
C SER B 180 -37.86 -0.78 38.14
N ARG B 181 -36.78 -0.01 38.32
CA ARG B 181 -36.13 0.71 37.23
C ARG B 181 -34.62 0.57 37.43
N CYS B 182 -34.04 -0.48 36.86
CA CYS B 182 -32.59 -0.64 36.96
C CYS B 182 -32.12 -1.71 35.98
N TRP B 183 -30.91 -1.49 35.44
CA TRP B 183 -30.22 -2.47 34.60
C TRP B 183 -29.29 -3.37 35.40
N GLY B 184 -29.32 -3.28 36.74
CA GLY B 184 -28.39 -4.00 37.58
C GLY B 184 -28.53 -3.59 39.03
N GLU B 185 -28.04 -4.40 39.96
CA GLU B 185 -28.30 -4.17 41.37
C GLU B 185 -27.59 -2.93 41.92
N SER B 186 -26.65 -2.36 41.19
CA SER B 186 -25.92 -1.20 41.68
C SER B 186 -26.69 0.08 41.39
N SER B 187 -26.20 1.18 41.97
CA SER B 187 -26.82 2.48 41.75
C SER B 187 -26.55 3.01 40.35
N GLU B 188 -25.34 2.78 39.83
CA GLU B 188 -24.99 3.24 38.50
C GLU B 188 -25.84 2.61 37.40
N ASP B 189 -26.63 1.58 37.73
CA ASP B 189 -27.47 0.90 36.75
C ASP B 189 -28.93 1.35 36.80
N CYS B 190 -29.20 2.53 37.36
CA CYS B 190 -30.56 3.04 37.39
C CYS B 190 -31.02 3.37 35.98
N GLN B 191 -32.24 2.96 35.66
CA GLN B 191 -32.79 3.20 34.33
C GLN B 191 -33.03 4.69 34.11
N SER B 192 -32.44 5.25 33.07
CA SER B 192 -32.76 6.60 32.63
C SER B 192 -34.00 6.57 31.74
N LEU B 193 -34.90 7.53 31.95
CA LEU B 193 -36.19 7.56 31.28
C LEU B 193 -36.30 8.85 30.48
N THR B 194 -36.36 8.74 29.15
CA THR B 194 -36.40 9.90 28.28
C THR B 194 -37.65 9.93 27.42
N ARG B 195 -38.69 9.18 27.78
CA ARG B 195 -39.98 9.28 27.11
C ARG B 195 -41.06 8.82 28.06
N THR B 196 -42.29 9.28 27.80
CA THR B 196 -43.44 9.08 28.69
C THR B 196 -43.26 9.80 30.02
N VAL B 197 -42.29 10.72 30.08
CA VAL B 197 -42.10 11.57 31.26
C VAL B 197 -41.67 12.94 30.77
N CYS B 198 -42.25 13.37 29.65
CA CYS B 198 -41.92 14.63 29.00
C CYS B 198 -43.16 15.52 28.98
N ALA B 199 -42.94 16.80 28.69
CA ALA B 199 -44.02 17.79 28.68
C ALA B 199 -44.71 17.76 27.32
N GLY B 200 -45.96 17.28 27.31
CA GLY B 200 -46.73 17.26 26.08
C GLY B 200 -46.24 16.19 25.12
N GLY B 201 -46.56 16.40 23.85
CA GLY B 201 -46.14 15.49 22.81
C GLY B 201 -44.66 15.58 22.50
N CYS B 202 -43.82 15.17 23.45
CA CYS B 202 -42.38 15.16 23.28
C CYS B 202 -41.92 13.71 23.20
N ALA B 203 -41.25 13.35 22.10
CA ALA B 203 -40.73 12.00 21.95
C ALA B 203 -39.49 11.77 22.80
N ARG B 204 -38.71 12.82 23.07
CA ARG B 204 -37.52 12.70 23.90
C ARG B 204 -37.35 13.96 24.72
N CYS B 205 -36.73 13.81 25.89
CA CYS B 205 -36.57 14.92 26.82
C CYS B 205 -35.51 14.55 27.84
N LYS B 206 -34.99 15.57 28.52
CA LYS B 206 -34.09 15.39 29.65
C LYS B 206 -34.78 15.74 30.97
N GLY B 207 -36.11 15.68 31.00
CA GLY B 207 -36.86 16.04 32.17
C GLY B 207 -38.33 16.24 31.87
N PRO B 208 -39.16 16.38 32.91
CA PRO B 208 -40.61 16.51 32.71
C PRO B 208 -41.06 17.90 32.31
N LEU B 209 -40.19 18.90 32.39
CA LEU B 209 -40.58 20.27 32.12
C LEU B 209 -40.68 20.53 30.62
N PRO B 210 -41.42 21.57 30.21
CA PRO B 210 -41.36 21.98 28.80
C PRO B 210 -39.96 22.35 28.35
N THR B 211 -39.21 23.08 29.19
CA THR B 211 -37.84 23.44 28.84
C THR B 211 -36.94 22.23 28.75
N ASP B 212 -37.34 21.10 29.34
CA ASP B 212 -36.51 19.90 29.30
C ASP B 212 -36.70 19.11 28.01
N CYS B 213 -37.78 19.33 27.27
CA CYS B 213 -38.01 18.61 26.03
C CYS B 213 -36.85 18.78 25.08
N CYS B 214 -36.55 17.72 24.34
CA CYS B 214 -35.48 17.74 23.36
C CYS B 214 -36.00 18.22 22.01
N HIS B 215 -35.06 18.61 21.15
CA HIS B 215 -35.42 19.07 19.82
C HIS B 215 -36.07 17.95 19.02
N GLU B 216 -36.75 18.34 17.94
CA GLU B 216 -37.44 17.35 17.11
C GLU B 216 -36.49 16.31 16.56
N GLN B 217 -35.28 16.73 16.17
CA GLN B 217 -34.35 15.84 15.50
C GLN B 217 -33.54 14.96 16.45
N CYS B 218 -33.63 15.17 17.75
CA CYS B 218 -32.83 14.39 18.69
C CYS B 218 -33.39 12.98 18.85
N ALA B 219 -32.51 12.07 19.24
CA ALA B 219 -32.88 10.70 19.55
C ALA B 219 -32.23 10.30 20.87
N ALA B 220 -32.94 9.45 21.63
CA ALA B 220 -32.45 8.95 22.91
C ALA B 220 -32.51 10.02 24.00
N GLY B 221 -31.91 11.17 23.77
CA GLY B 221 -31.95 12.24 24.76
C GLY B 221 -31.15 13.43 24.27
N CYS B 222 -30.98 14.40 25.18
CA CYS B 222 -30.29 15.62 24.83
C CYS B 222 -29.74 16.27 26.10
N THR B 223 -28.87 17.26 25.89
CA THR B 223 -28.35 18.10 26.97
C THR B 223 -28.98 19.48 26.99
N GLY B 224 -29.96 19.73 26.12
CA GLY B 224 -30.58 21.03 26.01
C GLY B 224 -31.65 21.04 24.94
N PRO B 225 -32.27 22.20 24.72
CA PRO B 225 -33.38 22.28 23.77
C PRO B 225 -32.97 22.31 22.32
N LYS B 226 -31.71 22.63 22.01
CA LYS B 226 -31.31 22.87 20.63
C LYS B 226 -31.03 21.55 19.91
N HIS B 227 -30.84 21.66 18.58
CA HIS B 227 -30.45 20.51 17.77
C HIS B 227 -28.97 20.19 17.87
N SER B 228 -28.18 21.03 18.53
CA SER B 228 -26.80 20.73 18.83
C SER B 228 -26.63 20.00 20.16
N ASP B 229 -27.67 19.97 20.99
CA ASP B 229 -27.61 19.34 22.29
C ASP B 229 -28.04 17.87 22.27
N CYS B 230 -28.29 17.32 21.09
CA CYS B 230 -28.76 15.93 21.00
C CYS B 230 -27.70 14.97 21.50
N LEU B 231 -28.16 13.81 21.99
CA LEU B 231 -27.26 12.70 22.28
C LEU B 231 -26.96 11.88 21.03
N ALA B 232 -27.92 11.79 20.11
CA ALA B 232 -27.76 11.06 18.86
C ALA B 232 -28.78 11.58 17.86
N CYS B 233 -28.36 11.77 16.62
CA CYS B 233 -29.23 12.35 15.60
C CYS B 233 -30.20 11.31 15.06
N LEU B 234 -31.47 11.67 15.03
CA LEU B 234 -32.51 10.75 14.57
C LEU B 234 -32.29 10.35 13.12
N HIS B 235 -31.66 11.22 12.31
CA HIS B 235 -31.50 10.95 10.90
C HIS B 235 -30.07 11.16 10.42
N PHE B 236 -29.53 12.37 10.56
CA PHE B 236 -28.21 12.66 10.01
C PHE B 236 -27.49 13.70 10.86
N ASN B 237 -26.17 13.49 11.00
CA ASN B 237 -25.30 14.38 11.76
C ASN B 237 -24.55 15.25 10.76
N HIS B 238 -24.99 16.50 10.61
CA HIS B 238 -24.40 17.44 9.65
C HIS B 238 -23.56 18.44 10.43
N SER B 239 -22.30 18.07 10.69
CA SER B 239 -21.33 18.99 11.29
C SER B 239 -21.78 19.44 12.68
N GLY B 240 -22.18 18.48 13.50
CA GLY B 240 -22.61 18.75 14.86
C GLY B 240 -24.09 19.02 15.01
N ILE B 241 -24.79 19.38 13.93
CA ILE B 241 -26.22 19.63 13.95
C ILE B 241 -26.94 18.37 13.50
N CYS B 242 -28.11 18.11 14.09
CA CYS B 242 -28.96 17.01 13.71
C CYS B 242 -30.02 17.53 12.74
N GLU B 243 -30.06 16.96 11.54
CA GLU B 243 -30.99 17.39 10.50
C GLU B 243 -31.75 16.19 9.96
N LEU B 244 -32.73 16.48 9.10
CA LEU B 244 -33.54 15.44 8.47
C LEU B 244 -32.90 14.89 7.21
N HIS B 245 -32.15 15.71 6.47
CA HIS B 245 -31.50 15.26 5.26
C HIS B 245 -30.31 16.17 4.98
N CYS B 246 -29.23 15.60 4.46
CA CYS B 246 -28.06 16.38 4.13
C CYS B 246 -28.37 17.34 2.99
N PRO B 247 -27.61 18.42 2.86
CA PRO B 247 -27.84 19.35 1.74
C PRO B 247 -27.56 18.67 0.41
N ALA B 248 -28.46 18.87 -0.54
CA ALA B 248 -28.30 18.22 -1.84
C ALA B 248 -27.05 18.74 -2.55
N LEU B 249 -26.53 17.93 -3.47
CA LEU B 249 -25.34 18.31 -4.22
C LEU B 249 -25.62 19.41 -5.22
N VAL B 250 -26.88 19.58 -5.64
CA VAL B 250 -27.25 20.62 -6.60
C VAL B 250 -28.53 21.29 -6.14
N THR B 251 -28.72 22.52 -6.61
CA THR B 251 -29.98 23.24 -6.48
C THR B 251 -30.47 23.61 -7.88
N TYR B 252 -31.76 23.44 -8.12
CA TYR B 252 -32.31 23.61 -9.46
C TYR B 252 -32.68 25.06 -9.72
N ASN B 253 -32.55 25.46 -10.99
CA ASN B 253 -33.06 26.75 -11.42
C ASN B 253 -34.55 26.82 -11.20
N THR B 254 -35.08 28.03 -11.01
CA THR B 254 -36.50 28.20 -10.79
C THR B 254 -37.27 28.33 -12.10
N ASP B 255 -36.83 29.22 -12.99
CA ASP B 255 -37.52 29.42 -14.25
C ASP B 255 -37.27 28.25 -15.20
N THR B 256 -36.01 27.91 -15.43
CA THR B 256 -35.66 26.62 -16.04
C THR B 256 -35.62 25.59 -14.92
N PHE B 257 -35.01 24.44 -15.17
CA PHE B 257 -34.69 23.51 -14.10
C PHE B 257 -33.29 22.94 -14.32
N GLU B 258 -32.38 23.79 -14.80
CA GLU B 258 -30.98 23.41 -14.95
C GLU B 258 -30.34 23.25 -13.58
N SER B 259 -29.60 22.16 -13.41
CA SER B 259 -28.98 21.86 -12.11
C SER B 259 -27.71 22.69 -11.93
N MET B 260 -27.56 23.27 -10.74
CA MET B 260 -26.42 24.09 -10.39
C MET B 260 -25.69 23.46 -9.21
N PRO B 261 -24.38 23.27 -9.27
CA PRO B 261 -23.68 22.62 -8.16
C PRO B 261 -23.79 23.43 -6.88
N ASN B 262 -24.01 22.74 -5.76
CA ASN B 262 -24.17 23.37 -4.47
C ASN B 262 -22.90 23.21 -3.66
N PRO B 263 -22.24 24.29 -3.23
CA PRO B 263 -21.07 24.12 -2.34
C PRO B 263 -21.43 23.49 -1.01
N GLU B 264 -22.61 23.79 -0.48
CA GLU B 264 -23.04 23.21 0.79
C GLU B 264 -23.44 21.75 0.67
N GLY B 265 -23.44 21.19 -0.55
CA GLY B 265 -23.88 19.82 -0.73
C GLY B 265 -22.99 18.84 0.02
N ARG B 266 -23.59 17.74 0.43
CA ARG B 266 -22.88 16.70 1.17
C ARG B 266 -23.46 15.34 0.79
N TYR B 267 -22.71 14.29 1.13
CA TYR B 267 -23.12 12.91 0.89
C TYR B 267 -23.59 12.26 2.18
N THR B 268 -24.56 11.36 2.06
CA THR B 268 -25.04 10.59 3.20
C THR B 268 -24.18 9.35 3.37
N PHE B 269 -23.56 9.22 4.53
CA PHE B 269 -22.81 8.02 4.90
C PHE B 269 -23.40 7.51 6.22
N GLY B 270 -24.19 6.45 6.14
CA GLY B 270 -24.90 5.98 7.31
C GLY B 270 -25.80 7.09 7.82
N ALA B 271 -25.59 7.50 9.07
CA ALA B 271 -26.33 8.62 9.64
C ALA B 271 -25.42 9.82 9.83
N SER B 272 -24.65 10.16 8.79
CA SER B 272 -23.67 11.24 8.88
C SER B 272 -23.54 11.91 7.53
N CYS B 273 -23.63 13.24 7.52
CA CYS B 273 -23.33 14.01 6.32
C CYS B 273 -21.83 14.24 6.24
N VAL B 274 -21.24 13.95 5.08
CA VAL B 274 -19.80 13.96 4.91
C VAL B 274 -19.43 14.66 3.61
N THR B 275 -18.24 15.27 3.61
CA THR B 275 -17.75 15.98 2.43
C THR B 275 -17.34 15.04 1.31
N ALA B 276 -16.99 13.79 1.63
CA ALA B 276 -16.59 12.83 0.62
C ALA B 276 -16.80 11.43 1.19
N CYS B 277 -16.93 10.46 0.29
CA CYS B 277 -17.25 9.11 0.73
C CYS B 277 -16.00 8.40 1.24
N PRO B 278 -16.13 7.57 2.28
CA PRO B 278 -14.97 6.82 2.76
C PRO B 278 -14.38 5.93 1.67
N TYR B 279 -13.13 5.53 1.88
CA TYR B 279 -12.46 4.67 0.91
C TYR B 279 -13.24 3.37 0.72
N ASN B 280 -13.25 2.87 -0.51
CA ASN B 280 -13.91 1.64 -0.92
C ASN B 280 -15.41 1.83 -1.09
N TYR B 281 -15.99 2.92 -0.60
CA TYR B 281 -17.39 3.22 -0.87
C TYR B 281 -17.54 3.95 -2.20
N LEU B 282 -18.76 3.97 -2.71
CA LEU B 282 -19.07 4.54 -4.01
C LEU B 282 -19.83 5.85 -3.85
N SER B 283 -19.47 6.85 -4.65
CA SER B 283 -20.18 8.12 -4.67
C SER B 283 -21.22 8.11 -5.78
N THR B 284 -22.39 8.69 -5.49
CA THR B 284 -23.49 8.72 -6.44
C THR B 284 -23.89 10.16 -6.72
N ASP B 285 -24.65 10.34 -7.81
CA ASP B 285 -25.14 11.67 -8.17
C ASP B 285 -26.25 12.13 -7.22
N VAL B 286 -26.99 11.18 -6.65
CA VAL B 286 -28.05 11.52 -5.70
C VAL B 286 -27.51 11.87 -4.32
N GLY B 287 -26.18 11.86 -4.14
CA GLY B 287 -25.58 12.31 -2.90
C GLY B 287 -25.59 11.26 -1.80
N SER B 288 -25.15 10.05 -2.10
CA SER B 288 -25.12 8.98 -1.11
C SER B 288 -23.89 8.11 -1.30
N CYS B 289 -23.28 7.72 -0.20
CA CYS B 289 -22.22 6.74 -0.21
C CYS B 289 -22.83 5.35 -0.09
N THR B 290 -22.42 4.44 -0.96
CA THR B 290 -23.00 3.11 -1.00
C THR B 290 -21.96 2.11 -1.50
N LEU B 291 -22.22 0.83 -1.23
CA LEU B 291 -21.34 -0.25 -1.65
C LEU B 291 -21.78 -0.90 -2.95
N VAL B 292 -23.01 -0.64 -3.40
CA VAL B 292 -23.46 -1.02 -4.74
C VAL B 292 -24.11 0.20 -5.37
N CYS B 293 -23.91 0.39 -6.67
CA CYS B 293 -24.57 1.48 -7.35
C CYS B 293 -26.08 1.25 -7.37
N PRO B 294 -26.87 2.31 -7.43
CA PRO B 294 -28.30 2.13 -7.65
C PRO B 294 -28.57 1.51 -9.01
N LEU B 295 -29.78 0.99 -9.17
CA LEU B 295 -30.15 0.41 -10.46
C LEU B 295 -30.16 1.49 -11.54
N HIS B 296 -29.77 1.09 -12.75
CA HIS B 296 -29.64 1.95 -13.92
C HIS B 296 -28.28 2.66 -13.93
N ASN B 297 -27.45 2.48 -12.92
CA ASN B 297 -26.17 3.17 -12.82
C ASN B 297 -25.02 2.23 -13.17
N GLN B 298 -23.85 2.83 -13.39
CA GLN B 298 -22.67 2.13 -13.87
C GLN B 298 -21.46 2.61 -13.08
N GLU B 299 -20.63 1.66 -12.65
CA GLU B 299 -19.46 1.98 -11.86
C GLU B 299 -18.32 2.45 -12.77
N VAL B 300 -17.69 3.56 -12.39
CA VAL B 300 -16.61 4.14 -13.18
C VAL B 300 -15.77 5.02 -12.27
N THR B 301 -14.48 5.10 -12.56
CA THR B 301 -13.55 5.85 -11.73
C THR B 301 -13.39 7.28 -12.24
N ALA B 302 -12.71 8.10 -11.45
CA ALA B 302 -12.47 9.50 -11.81
C ALA B 302 -11.37 10.10 -10.94
N THR B 306 -10.75 7.58 -8.28
CA THR B 306 -11.94 7.94 -7.49
C THR B 306 -13.17 7.23 -8.03
N GLN B 307 -13.49 6.07 -7.45
CA GLN B 307 -14.62 5.30 -7.93
C GLN B 307 -15.93 6.03 -7.66
N ARG B 308 -16.89 5.86 -8.57
CA ARG B 308 -18.13 6.63 -8.54
C ARG B 308 -19.15 5.93 -9.41
N CYS B 309 -20.43 6.24 -9.17
CA CYS B 309 -21.53 5.72 -9.97
C CYS B 309 -22.07 6.80 -10.89
N GLU B 310 -22.31 6.43 -12.15
CA GLU B 310 -22.92 7.31 -13.13
C GLU B 310 -24.08 6.59 -13.80
N LYS B 311 -25.18 7.31 -14.02
CA LYS B 311 -26.31 6.74 -14.72
C LYS B 311 -25.97 6.58 -16.20
N CYS B 312 -26.46 5.49 -16.79
CA CYS B 312 -26.02 5.09 -18.13
C CYS B 312 -26.71 5.95 -19.18
N SER B 313 -25.91 6.67 -19.98
CA SER B 313 -26.45 7.42 -21.09
C SER B 313 -26.91 6.49 -22.21
N LYS B 314 -26.10 5.48 -22.52
CA LYS B 314 -26.41 4.46 -23.50
C LYS B 314 -26.68 3.17 -22.72
N PRO B 315 -26.86 2.01 -23.37
CA PRO B 315 -27.09 0.79 -22.59
C PRO B 315 -25.96 0.53 -21.59
N CYS B 316 -26.33 0.33 -20.32
CA CYS B 316 -25.38 -0.06 -19.30
C CYS B 316 -24.57 -1.26 -19.80
N ALA B 317 -23.28 -1.07 -20.03
CA ALA B 317 -22.44 -2.15 -20.53
C ALA B 317 -22.58 -3.38 -19.64
N ARG B 318 -22.73 -4.54 -20.28
CA ARG B 318 -22.95 -5.79 -19.54
C ARG B 318 -21.73 -6.11 -18.68
N VAL B 319 -22.00 -6.49 -17.43
CA VAL B 319 -20.96 -6.84 -16.47
C VAL B 319 -21.30 -8.20 -15.87
N CYS B 320 -20.33 -8.76 -15.16
CA CYS B 320 -20.48 -10.08 -14.55
C CYS B 320 -20.94 -9.94 -13.10
N TYR B 321 -22.01 -10.66 -12.76
CA TYR B 321 -22.58 -10.64 -11.41
C TYR B 321 -22.22 -11.93 -10.70
N GLY B 322 -21.56 -11.80 -9.54
CA GLY B 322 -21.23 -12.93 -8.71
C GLY B 322 -22.34 -13.24 -7.72
N LEU B 323 -22.04 -14.19 -6.83
CA LEU B 323 -23.00 -14.58 -5.81
C LEU B 323 -23.42 -13.37 -4.98
N GLY B 324 -24.65 -13.43 -4.47
CA GLY B 324 -25.20 -12.32 -3.70
C GLY B 324 -25.64 -11.14 -4.54
N MET B 325 -25.81 -11.32 -5.84
CA MET B 325 -26.21 -10.23 -6.72
C MET B 325 -27.10 -10.76 -7.83
N GLU B 326 -28.14 -9.99 -8.16
CA GLU B 326 -29.04 -10.29 -9.27
C GLU B 326 -29.46 -11.75 -9.26
N HIS B 327 -29.46 -12.40 -10.43
CA HIS B 327 -29.97 -13.76 -10.51
C HIS B 327 -29.24 -14.72 -9.56
N LEU B 328 -28.04 -14.36 -9.10
CA LEU B 328 -27.32 -15.15 -8.12
C LEU B 328 -27.49 -14.64 -6.70
N ARG B 329 -28.46 -13.74 -6.46
CA ARG B 329 -28.54 -13.12 -5.15
C ARG B 329 -28.76 -14.15 -4.05
N GLU B 330 -29.51 -15.21 -4.35
CA GLU B 330 -29.84 -16.22 -3.35
C GLU B 330 -29.13 -17.54 -3.62
N VAL B 331 -28.00 -17.52 -4.33
CA VAL B 331 -27.25 -18.72 -4.66
C VAL B 331 -26.14 -18.89 -3.63
N ARG B 332 -26.04 -20.09 -3.06
CA ARG B 332 -25.08 -20.33 -1.98
C ARG B 332 -23.65 -20.33 -2.49
N ALA B 333 -23.39 -21.04 -3.60
CA ALA B 333 -22.02 -21.31 -4.00
C ALA B 333 -21.92 -21.41 -5.52
N VAL B 334 -20.68 -21.48 -6.00
CA VAL B 334 -20.41 -21.79 -7.39
C VAL B 334 -20.59 -23.28 -7.59
N THR B 335 -21.37 -23.65 -8.61
CA THR B 335 -21.64 -25.05 -8.92
C THR B 335 -21.62 -25.22 -10.43
N SER B 336 -21.82 -26.46 -10.88
CA SER B 336 -21.85 -26.73 -12.31
C SER B 336 -22.95 -25.94 -13.02
N ALA B 337 -23.97 -25.49 -12.29
CA ALA B 337 -25.08 -24.76 -12.89
C ALA B 337 -24.74 -23.31 -13.19
N ASN B 338 -23.68 -22.76 -12.59
CA ASN B 338 -23.33 -21.36 -12.77
C ASN B 338 -21.87 -21.13 -13.15
N ILE B 339 -21.04 -22.17 -13.17
CA ILE B 339 -19.60 -21.97 -13.39
C ILE B 339 -19.36 -21.32 -14.74
N GLN B 340 -20.16 -21.69 -15.76
CA GLN B 340 -19.94 -21.14 -17.09
C GLN B 340 -20.25 -19.65 -17.14
N GLU B 341 -21.10 -19.16 -16.24
CA GLU B 341 -21.53 -17.77 -16.30
C GLU B 341 -20.38 -16.78 -16.20
N PHE B 342 -19.22 -17.22 -15.67
CA PHE B 342 -18.08 -16.34 -15.50
C PHE B 342 -17.07 -16.46 -16.63
N ALA B 343 -17.49 -16.95 -17.79
CA ALA B 343 -16.59 -17.11 -18.93
C ALA B 343 -15.96 -15.77 -19.28
N GLY B 344 -14.64 -15.70 -19.17
CA GLY B 344 -13.90 -14.52 -19.59
C GLY B 344 -14.31 -13.25 -18.88
N CYS B 345 -14.61 -13.33 -17.59
CA CYS B 345 -14.93 -12.16 -16.79
C CYS B 345 -13.65 -11.57 -16.20
N LYS B 346 -13.45 -10.26 -16.43
CA LYS B 346 -12.33 -9.58 -15.80
C LYS B 346 -12.69 -9.09 -14.40
N LYS B 347 -13.94 -8.68 -14.20
CA LYS B 347 -14.39 -8.09 -12.95
C LYS B 347 -15.76 -8.66 -12.64
N ILE B 348 -15.94 -9.17 -11.42
CA ILE B 348 -17.19 -9.78 -10.99
C ILE B 348 -17.84 -8.89 -9.93
N PHE B 349 -19.05 -8.43 -10.22
CA PHE B 349 -19.80 -7.58 -9.28
C PHE B 349 -20.61 -8.48 -8.36
N GLY B 350 -19.92 -8.99 -7.34
CA GLY B 350 -20.52 -9.93 -6.42
C GLY B 350 -19.43 -10.70 -5.69
N SER B 351 -19.81 -11.86 -5.19
CA SER B 351 -18.93 -12.69 -4.38
C SER B 351 -18.72 -14.04 -5.04
N LEU B 352 -17.75 -14.78 -4.51
CA LEU B 352 -17.45 -16.13 -5.00
C LEU B 352 -17.23 -17.04 -3.80
N ALA B 353 -18.04 -18.10 -3.73
CA ALA B 353 -17.95 -19.08 -2.66
C ALA B 353 -17.79 -20.46 -3.25
N PHE B 354 -16.96 -21.28 -2.62
CA PHE B 354 -16.71 -22.66 -3.07
C PHE B 354 -16.90 -23.59 -1.89
N LEU B 355 -18.05 -24.23 -1.83
CA LEU B 355 -18.42 -25.11 -0.73
C LEU B 355 -18.34 -26.57 -1.17
N PRO B 356 -18.29 -27.51 -0.21
CA PRO B 356 -18.22 -28.93 -0.59
C PRO B 356 -19.27 -29.33 -1.61
N GLU B 357 -20.44 -28.71 -1.58
CA GLU B 357 -21.48 -29.02 -2.56
C GLU B 357 -21.11 -28.55 -3.96
N SER B 358 -20.24 -27.56 -4.07
CA SER B 358 -19.70 -27.19 -5.39
C SER B 358 -19.14 -28.42 -6.08
N PHE B 359 -18.40 -29.25 -5.36
CA PHE B 359 -17.80 -30.47 -5.90
C PHE B 359 -18.58 -31.71 -5.50
N ASP B 360 -19.91 -31.58 -5.42
CA ASP B 360 -20.81 -32.69 -5.19
C ASP B 360 -22.15 -32.36 -5.86
N GLY B 361 -23.07 -33.31 -5.82
CA GLY B 361 -24.30 -33.20 -6.56
C GLY B 361 -25.46 -32.66 -5.73
N ASP B 362 -26.58 -32.44 -6.43
CA ASP B 362 -27.86 -32.10 -5.82
C ASP B 362 -28.95 -32.33 -6.87
N PRO B 363 -29.28 -33.59 -7.16
CA PRO B 363 -30.26 -33.99 -8.19
C PRO B 363 -31.49 -33.08 -8.27
N THR B 367 -28.27 -31.07 -9.62
CA THR B 367 -27.07 -30.57 -10.27
C THR B 367 -25.95 -31.62 -10.23
N ALA B 368 -24.90 -31.38 -11.01
CA ALA B 368 -23.77 -32.29 -11.08
C ALA B 368 -22.57 -31.70 -10.36
N PRO B 369 -21.65 -32.54 -9.87
CA PRO B 369 -20.46 -32.03 -9.20
C PRO B 369 -19.55 -31.25 -10.15
N LEU B 370 -18.84 -30.29 -9.57
CA LEU B 370 -17.87 -29.50 -10.33
C LEU B 370 -16.58 -30.30 -10.51
N GLN B 371 -15.83 -29.96 -11.55
CA GLN B 371 -14.60 -30.65 -11.90
C GLN B 371 -13.41 -29.70 -11.91
N PRO B 372 -12.20 -30.22 -11.70
CA PRO B 372 -11.04 -29.32 -11.51
C PRO B 372 -10.71 -28.47 -12.71
N GLU B 373 -11.02 -28.93 -13.93
CA GLU B 373 -10.68 -28.16 -15.11
C GLU B 373 -11.63 -26.97 -15.29
N GLN B 374 -12.88 -27.12 -14.87
CA GLN B 374 -13.85 -26.04 -15.05
C GLN B 374 -13.41 -24.77 -14.35
N LEU B 375 -12.68 -24.89 -13.24
CA LEU B 375 -12.30 -23.71 -12.47
C LEU B 375 -11.35 -22.80 -13.25
N GLN B 376 -10.67 -23.32 -14.28
CA GLN B 376 -9.78 -22.49 -15.07
C GLN B 376 -10.48 -21.25 -15.63
N VAL B 377 -11.81 -21.21 -15.61
CA VAL B 377 -12.55 -20.08 -16.16
C VAL B 377 -12.10 -18.77 -15.53
N PHE B 378 -11.67 -18.82 -14.27
CA PHE B 378 -11.38 -17.61 -13.52
C PHE B 378 -9.98 -17.06 -13.78
N GLU B 379 -9.21 -17.67 -14.67
CA GLU B 379 -7.85 -17.20 -14.92
C GLU B 379 -7.85 -15.81 -15.55
N THR B 380 -8.99 -15.33 -16.04
CA THR B 380 -9.11 -13.96 -16.54
C THR B 380 -9.55 -12.98 -15.46
N LEU B 381 -9.97 -13.47 -14.30
CA LEU B 381 -10.56 -12.61 -13.28
C LEU B 381 -9.50 -11.75 -12.61
N GLU B 382 -9.74 -10.44 -12.60
CA GLU B 382 -8.81 -9.47 -12.02
C GLU B 382 -9.33 -8.82 -10.74
N GLU B 383 -10.64 -8.76 -10.55
CA GLU B 383 -11.22 -8.02 -9.43
C GLU B 383 -12.51 -8.68 -8.98
N ILE B 384 -12.65 -8.84 -7.67
CA ILE B 384 -13.89 -9.30 -7.05
C ILE B 384 -14.38 -8.21 -6.12
N THR B 385 -15.55 -7.64 -6.44
CA THR B 385 -16.15 -6.62 -5.58
C THR B 385 -16.49 -7.17 -4.21
N GLY B 386 -17.11 -8.35 -4.18
CA GLY B 386 -17.57 -8.93 -2.94
C GLY B 386 -16.47 -9.59 -2.13
N TYR B 387 -16.56 -10.91 -1.98
CA TYR B 387 -15.61 -11.64 -1.15
C TYR B 387 -15.31 -12.99 -1.79
N LEU B 388 -14.22 -13.60 -1.32
CA LEU B 388 -13.81 -14.93 -1.75
C LEU B 388 -13.84 -15.86 -0.56
N TYR B 389 -14.54 -16.98 -0.70
CA TYR B 389 -14.69 -17.96 0.38
C TYR B 389 -14.50 -19.34 -0.23
N ILE B 390 -13.57 -20.11 0.33
CA ILE B 390 -13.24 -21.43 -0.19
C ILE B 390 -13.17 -22.39 0.99
N SER B 391 -14.25 -23.13 1.22
CA SER B 391 -14.28 -24.19 2.23
C SER B 391 -14.05 -25.56 1.63
N ALA B 392 -13.95 -25.67 0.31
CA ALA B 392 -13.68 -26.94 -0.34
C ALA B 392 -12.98 -26.68 -1.66
N TRP B 393 -12.08 -27.59 -2.04
CA TRP B 393 -11.28 -27.40 -3.23
C TRP B 393 -10.65 -28.73 -3.58
N PRO B 394 -10.54 -29.09 -4.86
CA PRO B 394 -10.11 -30.45 -5.21
C PRO B 394 -8.71 -30.77 -4.68
N ASP B 395 -8.57 -31.98 -4.14
CA ASP B 395 -7.25 -32.49 -3.78
C ASP B 395 -6.31 -32.48 -4.99
N SER B 396 -6.86 -32.62 -6.19
CA SER B 396 -6.05 -32.63 -7.40
C SER B 396 -5.22 -31.36 -7.50
N LEU B 397 -5.87 -30.21 -7.40
CA LEU B 397 -5.18 -28.94 -7.57
C LEU B 397 -4.32 -28.65 -6.34
N PRO B 398 -3.11 -28.12 -6.53
CA PRO B 398 -2.22 -27.87 -5.38
C PRO B 398 -2.39 -26.48 -4.79
N ASP B 399 -2.88 -25.55 -5.59
CA ASP B 399 -2.94 -24.14 -5.17
C ASP B 399 -4.20 -23.51 -5.75
N LEU B 400 -4.23 -22.18 -5.75
CA LEU B 400 -5.34 -21.41 -6.30
C LEU B 400 -4.91 -20.59 -7.51
N SER B 401 -3.91 -21.09 -8.26
CA SER B 401 -3.43 -20.36 -9.42
C SER B 401 -4.50 -20.20 -10.49
N VAL B 402 -5.65 -20.84 -10.34
CA VAL B 402 -6.83 -20.48 -11.13
C VAL B 402 -7.11 -18.99 -10.97
N PHE B 403 -6.89 -18.46 -9.76
CA PHE B 403 -7.09 -17.05 -9.47
C PHE B 403 -5.77 -16.27 -9.54
N GLN B 404 -4.84 -16.69 -10.40
CA GLN B 404 -3.50 -16.13 -10.38
C GLN B 404 -3.41 -14.74 -11.00
N ASN B 405 -4.51 -14.21 -11.54
CA ASN B 405 -4.53 -12.84 -12.06
C ASN B 405 -5.49 -11.96 -11.29
N LEU B 406 -5.95 -12.40 -10.13
CA LEU B 406 -6.82 -11.60 -9.27
C LEU B 406 -5.98 -10.56 -8.53
N GLN B 407 -6.31 -9.28 -8.74
CA GLN B 407 -5.56 -8.18 -8.14
C GLN B 407 -6.22 -7.62 -6.89
N VAL B 408 -7.54 -7.48 -6.90
CA VAL B 408 -8.26 -6.78 -5.84
C VAL B 408 -9.48 -7.60 -5.43
N ILE B 409 -9.62 -7.82 -4.12
CA ILE B 409 -10.86 -8.31 -3.53
C ILE B 409 -11.40 -7.19 -2.65
N ARG B 410 -12.28 -6.37 -3.21
CA ARG B 410 -12.63 -5.11 -2.57
C ARG B 410 -13.28 -5.33 -1.20
N GLY B 411 -14.13 -6.35 -1.09
CA GLY B 411 -14.77 -6.63 0.17
C GLY B 411 -15.97 -5.76 0.48
N ARG B 412 -16.56 -5.13 -0.53
CA ARG B 412 -17.79 -4.38 -0.32
C ARG B 412 -18.89 -5.29 0.21
N ILE B 413 -18.80 -6.58 -0.07
CA ILE B 413 -19.55 -7.61 0.64
C ILE B 413 -18.53 -8.48 1.36
N LEU B 414 -18.94 -9.07 2.48
CA LEU B 414 -18.04 -9.87 3.29
C LEU B 414 -18.76 -11.13 3.74
N HIS B 415 -18.07 -12.26 3.70
CA HIS B 415 -18.63 -13.50 4.22
C HIS B 415 -18.91 -13.34 5.70
N ASN B 416 -20.14 -13.66 6.11
CA ASN B 416 -20.55 -13.52 7.50
C ASN B 416 -20.31 -12.09 8.01
N GLY B 417 -20.32 -11.13 7.09
CA GLY B 417 -20.13 -9.73 7.42
C GLY B 417 -18.74 -9.35 7.81
N ALA B 418 -17.77 -10.27 7.78
CA ALA B 418 -16.45 -10.00 8.36
C ALA B 418 -15.29 -10.33 7.44
N TYR B 419 -15.32 -11.46 6.74
CA TYR B 419 -14.14 -12.00 6.08
C TYR B 419 -14.23 -11.80 4.57
N SER B 420 -13.35 -10.95 4.04
CA SER B 420 -13.26 -10.79 2.59
C SER B 420 -12.60 -11.99 1.93
N LEU B 421 -11.60 -12.59 2.59
CA LEU B 421 -10.92 -13.77 2.08
C LEU B 421 -10.96 -14.87 3.13
N THR B 422 -11.43 -16.05 2.72
CA THR B 422 -11.59 -17.19 3.62
C THR B 422 -11.06 -18.44 2.94
N LEU B 423 -10.30 -19.23 3.69
CA LEU B 423 -9.67 -20.44 3.15
C LEU B 423 -9.57 -21.46 4.30
N GLN B 424 -10.47 -22.43 4.31
CA GLN B 424 -10.54 -23.38 5.42
C GLN B 424 -10.79 -24.79 4.93
N GLY B 425 -10.07 -25.74 5.52
CA GLY B 425 -10.30 -27.15 5.28
C GLY B 425 -9.90 -27.66 3.92
N LEU B 426 -8.77 -27.19 3.40
CA LEU B 426 -8.35 -27.50 2.04
C LEU B 426 -7.07 -28.33 2.05
N GLY B 427 -6.86 -29.08 0.97
CA GLY B 427 -5.64 -29.83 0.77
C GLY B 427 -4.62 -29.04 -0.01
N ILE B 428 -4.74 -27.72 0.06
CA ILE B 428 -3.80 -26.84 -0.64
C ILE B 428 -2.42 -26.96 -0.02
N SER B 429 -1.40 -26.69 -0.85
CA SER B 429 -0.02 -26.66 -0.40
C SER B 429 0.64 -25.30 -0.51
N TRP B 430 0.05 -24.36 -1.24
CA TRP B 430 0.49 -22.96 -1.21
C TRP B 430 -0.56 -22.11 -1.88
N LEU B 431 -0.54 -20.82 -1.59
CA LEU B 431 -1.43 -19.87 -2.24
C LEU B 431 -0.88 -19.51 -3.62
N GLY B 432 -1.77 -19.49 -4.60
CA GLY B 432 -1.38 -19.19 -5.97
C GLY B 432 -1.60 -17.76 -6.40
N LEU B 433 -2.01 -16.87 -5.49
CA LEU B 433 -2.52 -15.55 -5.84
C LEU B 433 -1.33 -14.59 -5.98
N ARG B 434 -0.62 -14.72 -7.10
CA ARG B 434 0.58 -13.92 -7.31
C ARG B 434 0.29 -12.48 -7.69
N SER B 435 -0.92 -12.19 -8.18
CA SER B 435 -1.29 -10.85 -8.64
C SER B 435 -2.05 -10.05 -7.59
N LEU B 436 -2.40 -10.65 -6.47
CA LEU B 436 -3.22 -9.98 -5.47
C LEU B 436 -2.42 -8.88 -4.76
N ARG B 437 -2.98 -7.66 -4.74
CA ARG B 437 -2.34 -6.52 -4.11
C ARG B 437 -3.21 -5.83 -3.06
N GLU B 438 -4.52 -6.04 -3.07
CA GLU B 438 -5.41 -5.27 -2.19
C GLU B 438 -6.54 -6.14 -1.67
N LEU B 439 -6.72 -6.12 -0.35
CA LEU B 439 -7.94 -6.54 0.31
C LEU B 439 -8.63 -5.26 0.78
N GLY B 440 -9.58 -4.77 -0.02
CA GLY B 440 -10.15 -3.46 0.24
C GLY B 440 -10.76 -3.32 1.62
N SER B 441 -11.25 -4.42 2.20
CA SER B 441 -11.96 -4.35 3.46
C SER B 441 -12.15 -5.76 3.99
N GLY B 442 -12.46 -5.84 5.27
CA GLY B 442 -12.71 -7.11 5.91
C GLY B 442 -11.43 -7.87 6.20
N LEU B 443 -11.56 -8.93 6.98
CA LEU B 443 -10.42 -9.70 7.45
C LEU B 443 -10.15 -10.90 6.55
N ALA B 444 -8.93 -11.42 6.67
CA ALA B 444 -8.53 -12.65 6.01
C ALA B 444 -8.50 -13.77 7.04
N LEU B 445 -9.14 -14.90 6.71
CA LEU B 445 -9.23 -16.05 7.61
C LEU B 445 -8.72 -17.28 6.86
N ILE B 446 -7.57 -17.79 7.27
CA ILE B 446 -6.91 -18.93 6.64
C ILE B 446 -6.57 -19.93 7.75
N HIS B 447 -7.33 -21.02 7.84
CA HIS B 447 -7.12 -21.93 8.96
C HIS B 447 -7.49 -23.36 8.55
N HIS B 448 -6.83 -24.32 9.19
CA HIS B 448 -7.10 -25.74 9.00
C HIS B 448 -6.87 -26.17 7.55
N ASN B 449 -5.68 -25.84 7.04
CA ASN B 449 -5.25 -26.28 5.72
C ASN B 449 -4.00 -27.12 5.94
N THR B 450 -4.22 -28.40 6.24
CA THR B 450 -3.20 -29.31 6.76
C THR B 450 -1.85 -29.19 6.04
N HIS B 451 -1.86 -28.95 4.73
CA HIS B 451 -0.63 -28.96 3.94
C HIS B 451 -0.22 -27.57 3.47
N LEU B 452 -0.99 -26.53 3.80
CA LEU B 452 -0.77 -25.20 3.23
C LEU B 452 0.46 -24.55 3.86
N CYS B 453 1.52 -24.39 3.07
CA CYS B 453 2.67 -23.57 3.44
C CYS B 453 2.53 -22.20 2.78
N PHE B 454 3.59 -21.40 2.85
CA PHE B 454 3.64 -20.09 2.20
C PHE B 454 2.46 -19.21 2.63
N VAL B 455 2.36 -19.00 3.95
CA VAL B 455 1.45 -18.02 4.52
C VAL B 455 2.22 -16.83 5.09
N HIS B 456 3.12 -17.08 6.04
CA HIS B 456 3.96 -16.02 6.57
C HIS B 456 4.91 -15.47 5.51
N THR B 457 4.98 -16.09 4.33
CA THR B 457 5.75 -15.55 3.22
C THR B 457 5.06 -14.37 2.56
N VAL B 458 3.75 -14.19 2.79
CA VAL B 458 2.99 -13.14 2.15
C VAL B 458 3.06 -11.88 3.00
N PRO B 459 3.33 -10.74 2.45
CA PRO B 459 3.35 -9.51 3.25
C PRO B 459 1.94 -8.96 3.44
N TRP B 460 1.16 -9.66 4.26
CA TRP B 460 -0.25 -9.32 4.43
C TRP B 460 -0.45 -7.85 4.79
N ASP B 461 0.52 -7.26 5.50
CA ASP B 461 0.42 -5.84 5.84
C ASP B 461 0.15 -5.00 4.59
N GLN B 462 0.79 -5.34 3.49
CA GLN B 462 0.63 -4.57 2.26
C GLN B 462 -0.81 -4.60 1.77
N LEU B 463 -1.50 -5.73 1.93
CA LEU B 463 -2.79 -5.93 1.30
C LEU B 463 -3.93 -5.18 1.97
N PHE B 464 -3.77 -4.77 3.22
CA PHE B 464 -4.87 -4.15 3.95
C PHE B 464 -4.90 -2.64 3.68
N ARG B 465 -6.06 -2.04 3.96
CA ARG B 465 -6.27 -0.62 3.71
C ARG B 465 -6.86 0.14 4.89
N ASN B 466 -7.20 -0.53 6.00
CA ASN B 466 -7.73 0.16 7.16
C ASN B 466 -7.25 -0.55 8.42
N PRO B 467 -7.27 0.12 9.57
CA PRO B 467 -6.82 -0.52 10.82
C PRO B 467 -7.54 -1.80 11.18
N HIS B 468 -8.86 -1.84 11.01
CA HIS B 468 -9.63 -2.98 11.48
C HIS B 468 -9.29 -4.28 10.74
N GLN B 469 -8.53 -4.21 9.65
CA GLN B 469 -8.19 -5.41 8.89
C GLN B 469 -6.98 -6.12 9.50
N ALA B 470 -6.94 -7.44 9.28
CA ALA B 470 -5.85 -8.27 9.79
C ALA B 470 -6.03 -9.68 9.26
N LEU B 471 -4.97 -10.47 9.36
CA LEU B 471 -5.02 -11.89 9.01
C LEU B 471 -5.18 -12.72 10.27
N LEU B 472 -6.13 -13.65 10.24
CA LEU B 472 -6.32 -14.61 11.32
C LEU B 472 -5.98 -15.99 10.78
N HIS B 473 -4.87 -16.56 11.26
CA HIS B 473 -4.39 -17.85 10.78
C HIS B 473 -4.16 -18.78 11.95
N THR B 474 -4.51 -20.05 11.75
CA THR B 474 -4.33 -21.08 12.77
C THR B 474 -4.60 -22.44 12.15
N ALA B 475 -3.90 -23.45 12.66
CA ALA B 475 -4.12 -24.85 12.29
C ALA B 475 -3.69 -25.15 10.85
N ASN B 476 -2.90 -24.29 10.24
CA ASN B 476 -2.26 -24.63 8.98
C ASN B 476 -0.98 -25.40 9.26
N ARG B 477 -0.27 -25.79 8.22
CA ARG B 477 0.96 -26.54 8.40
C ARG B 477 1.99 -25.65 9.09
N PRO B 478 2.67 -26.12 10.14
CA PRO B 478 3.54 -25.22 10.91
C PRO B 478 4.66 -24.65 10.06
N GLU B 479 4.96 -23.37 10.28
CA GLU B 479 6.07 -22.74 9.57
C GLU B 479 7.35 -23.54 9.75
N ASP B 480 7.55 -24.11 10.93
CA ASP B 480 8.73 -24.93 11.17
C ASP B 480 8.75 -26.14 10.24
N GLU B 481 7.62 -26.85 10.17
CA GLU B 481 7.52 -28.03 9.32
C GLU B 481 7.74 -27.67 7.85
N CYS B 482 7.38 -26.45 7.46
CA CYS B 482 7.56 -26.04 6.06
C CYS B 482 9.03 -25.78 5.76
N VAL B 483 9.76 -25.16 6.71
CA VAL B 483 11.18 -24.90 6.50
C VAL B 483 11.92 -26.22 6.28
N GLY B 484 11.79 -27.16 7.21
CA GLY B 484 12.17 -28.52 6.92
C GLY B 484 11.43 -28.95 5.68
N GLU B 485 12.08 -29.72 4.81
CA GLU B 485 11.62 -30.07 3.46
C GLU B 485 12.14 -29.06 2.43
N GLY B 486 12.70 -27.94 2.88
CA GLY B 486 13.36 -27.01 1.98
C GLY B 486 12.45 -26.19 1.10
N LEU B 487 11.44 -25.55 1.68
CA LEU B 487 10.53 -24.67 0.96
C LEU B 487 10.86 -23.23 1.30
N ALA B 488 11.04 -22.40 0.27
CA ALA B 488 11.34 -20.99 0.48
C ALA B 488 11.12 -20.25 -0.83
N CYS B 489 11.05 -18.92 -0.72
CA CYS B 489 10.90 -18.09 -1.91
C CYS B 489 12.07 -18.30 -2.85
N HIS B 490 11.81 -18.18 -4.14
CA HIS B 490 12.87 -18.32 -5.13
C HIS B 490 13.90 -17.23 -4.92
N GLN B 491 15.10 -17.49 -5.45
CA GLN B 491 16.23 -16.58 -5.24
C GLN B 491 15.86 -15.14 -5.56
N LEU B 492 15.05 -14.93 -6.60
CA LEU B 492 14.86 -13.62 -7.19
C LEU B 492 13.68 -12.84 -6.62
N CYS B 493 12.97 -13.40 -5.63
CA CYS B 493 11.83 -12.69 -5.04
C CYS B 493 12.36 -11.60 -4.11
N ALA B 494 12.18 -10.34 -4.51
CA ALA B 494 12.70 -9.23 -3.72
C ALA B 494 12.03 -9.20 -2.35
N ARG B 495 12.81 -8.76 -1.35
CA ARG B 495 12.40 -8.72 0.04
C ARG B 495 11.94 -10.08 0.56
N GLY B 496 12.18 -11.15 -0.18
CA GLY B 496 11.75 -12.48 0.24
C GLY B 496 10.25 -12.62 0.40
N HIS B 497 9.47 -11.87 -0.36
CA HIS B 497 8.02 -11.99 -0.36
C HIS B 497 7.60 -12.82 -1.57
N CYS B 498 6.86 -13.89 -1.34
CA CYS B 498 6.38 -14.73 -2.43
C CYS B 498 5.11 -15.44 -1.99
N TRP B 499 4.28 -15.77 -2.98
CA TRP B 499 3.07 -16.53 -2.75
C TRP B 499 3.28 -18.03 -2.88
N GLY B 500 4.39 -18.46 -3.47
CA GLY B 500 4.63 -19.86 -3.69
C GLY B 500 6.08 -20.16 -3.99
N PRO B 501 6.37 -21.39 -4.41
CA PRO B 501 7.77 -21.82 -4.57
C PRO B 501 8.48 -21.19 -5.76
N GLY B 502 8.03 -21.53 -6.98
CA GLY B 502 8.75 -21.20 -8.18
C GLY B 502 9.04 -19.72 -8.36
N PRO B 503 9.71 -19.39 -9.47
CA PRO B 503 9.98 -17.97 -9.76
C PRO B 503 8.73 -17.19 -10.17
N THR B 504 7.71 -17.88 -10.66
CA THR B 504 6.47 -17.21 -11.05
C THR B 504 5.80 -16.54 -9.86
N GLN B 505 5.94 -17.11 -8.67
CA GLN B 505 5.15 -16.71 -7.50
C GLN B 505 5.79 -15.58 -6.70
N CYS B 506 6.80 -14.90 -7.24
CA CYS B 506 7.36 -13.76 -6.54
C CYS B 506 6.34 -12.63 -6.46
N VAL B 507 6.40 -11.88 -5.36
CA VAL B 507 5.60 -10.67 -5.22
C VAL B 507 6.30 -9.56 -6.01
N ASN B 508 7.49 -9.18 -5.56
CA ASN B 508 8.27 -8.12 -6.17
C ASN B 508 9.48 -8.76 -6.83
N CYS B 509 9.58 -8.63 -8.15
CA CYS B 509 10.63 -9.32 -8.89
C CYS B 509 11.94 -8.54 -8.75
N SER B 510 12.98 -9.21 -8.27
CA SER B 510 14.27 -8.56 -8.06
C SER B 510 14.84 -8.04 -9.36
N GLN B 511 14.77 -8.83 -10.44
CA GLN B 511 15.46 -8.51 -11.67
C GLN B 511 14.44 -8.20 -12.74
N PHE B 512 14.00 -9.17 -13.54
CA PHE B 512 13.21 -8.91 -14.73
C PHE B 512 12.13 -9.97 -14.88
N LEU B 513 11.06 -9.60 -15.57
CA LEU B 513 9.85 -10.41 -15.68
C LEU B 513 9.66 -10.83 -17.12
N ARG B 514 9.78 -12.14 -17.38
CA ARG B 514 9.45 -12.70 -18.69
C ARG B 514 8.04 -13.27 -18.60
N GLY B 515 7.07 -12.40 -18.81
CA GLY B 515 5.68 -12.76 -18.65
C GLY B 515 5.34 -13.00 -17.19
N GLN B 516 5.27 -14.26 -16.79
CA GLN B 516 5.00 -14.61 -15.41
C GLN B 516 6.24 -15.03 -14.63
N GLU B 517 7.25 -15.55 -15.32
CA GLU B 517 8.50 -15.91 -14.66
C GLU B 517 9.27 -14.66 -14.26
N CYS B 518 9.83 -14.68 -13.05
CA CYS B 518 10.78 -13.67 -12.61
C CYS B 518 12.18 -14.23 -12.86
N VAL B 519 12.89 -13.61 -13.81
CA VAL B 519 14.18 -14.11 -14.27
C VAL B 519 15.20 -13.00 -14.12
N GLU B 520 16.48 -13.40 -14.10
CA GLU B 520 17.59 -12.48 -13.85
C GLU B 520 18.23 -11.95 -15.12
N GLU B 521 17.78 -12.38 -16.30
CA GLU B 521 18.44 -12.00 -17.54
C GLU B 521 17.42 -12.00 -18.66
N CYS B 522 17.05 -10.82 -19.15
CA CYS B 522 16.32 -10.73 -20.40
C CYS B 522 17.22 -11.14 -21.56
N ARG B 523 16.63 -11.24 -22.75
CA ARG B 523 17.33 -11.74 -23.91
C ARG B 523 17.82 -10.64 -24.84
N VAL B 524 18.01 -9.41 -24.32
CA VAL B 524 18.83 -8.47 -25.05
C VAL B 524 20.20 -9.10 -25.21
N LEU B 525 20.88 -8.79 -26.30
CA LEU B 525 22.19 -9.36 -26.56
C LEU B 525 22.13 -10.88 -26.67
N GLN B 526 21.67 -11.38 -27.81
CA GLN B 526 21.93 -12.76 -28.23
C GLN B 526 21.00 -13.81 -27.63
N GLY B 527 19.79 -13.43 -27.27
CA GLY B 527 18.81 -14.42 -26.88
C GLY B 527 18.25 -15.15 -28.08
N LEU B 528 17.76 -16.37 -27.84
CA LEU B 528 17.21 -17.18 -28.92
C LEU B 528 16.12 -16.43 -29.68
N PRO B 529 15.03 -15.96 -29.04
CA PRO B 529 14.27 -14.84 -29.62
C PRO B 529 14.65 -13.52 -28.97
N ARG B 530 15.29 -12.63 -29.74
CA ARG B 530 15.82 -11.39 -29.18
C ARG B 530 14.72 -10.62 -28.45
N GLU B 531 15.12 -9.83 -27.46
CA GLU B 531 14.19 -9.14 -26.58
C GLU B 531 14.65 -7.71 -26.34
N TYR B 532 13.82 -6.97 -25.61
CA TYR B 532 14.17 -5.63 -25.12
C TYR B 532 13.50 -5.44 -23.78
N VAL B 533 14.10 -4.59 -22.94
CA VAL B 533 13.58 -4.33 -21.60
C VAL B 533 12.63 -3.15 -21.64
N ASN B 534 11.67 -3.15 -20.72
CA ASN B 534 10.71 -2.05 -20.62
C ASN B 534 10.07 -2.13 -19.22
N ALA B 535 10.55 -1.29 -18.31
CA ALA B 535 10.06 -1.27 -16.93
C ALA B 535 10.26 -2.65 -16.28
N ARG B 536 11.48 -3.16 -16.36
CA ARG B 536 11.85 -4.44 -15.76
C ARG B 536 11.01 -5.59 -16.30
N HIS B 537 10.56 -5.47 -17.56
CA HIS B 537 9.87 -6.55 -18.25
C HIS B 537 10.66 -6.91 -19.50
N CYS B 538 10.85 -8.21 -19.73
CA CYS B 538 11.40 -8.67 -20.99
C CYS B 538 10.29 -8.74 -22.02
N LEU B 539 10.57 -8.25 -23.22
CA LEU B 539 9.60 -8.22 -24.31
C LEU B 539 10.29 -8.60 -25.61
N PRO B 540 9.55 -9.15 -26.57
CA PRO B 540 10.19 -9.67 -27.78
C PRO B 540 10.41 -8.59 -28.84
N CYS B 541 11.60 -8.61 -29.45
CA CYS B 541 11.86 -7.77 -30.60
C CYS B 541 11.07 -8.29 -31.79
N HIS B 542 10.67 -7.36 -32.66
CA HIS B 542 9.88 -7.74 -33.82
C HIS B 542 10.59 -8.82 -34.61
N PRO B 543 9.88 -9.85 -35.11
CA PRO B 543 10.58 -10.95 -35.78
C PRO B 543 11.43 -10.52 -36.96
N GLU B 544 10.97 -9.53 -37.73
CA GLU B 544 11.73 -9.06 -38.87
C GLU B 544 12.97 -8.27 -38.49
N CYS B 545 13.14 -7.93 -37.21
CA CYS B 545 14.42 -7.40 -36.76
C CYS B 545 15.50 -8.46 -36.94
N GLN B 546 16.70 -8.02 -37.28
CA GLN B 546 17.77 -8.99 -37.44
C GLN B 546 18.47 -9.24 -36.11
N PRO B 547 18.69 -10.49 -35.72
CA PRO B 547 19.48 -10.76 -34.52
C PRO B 547 20.84 -10.08 -34.58
N GLN B 548 21.16 -9.33 -33.54
CA GLN B 548 22.46 -8.69 -33.40
C GLN B 548 23.31 -9.50 -32.43
N ASN B 549 24.58 -9.71 -32.80
CA ASN B 549 25.48 -10.46 -31.94
C ASN B 549 25.65 -9.69 -30.62
N GLY B 550 26.76 -8.99 -30.43
CA GLY B 550 27.03 -8.43 -29.12
C GLY B 550 26.44 -7.05 -28.90
N SER B 551 25.31 -6.74 -29.54
CA SER B 551 24.67 -5.45 -29.35
C SER B 551 23.15 -5.65 -29.33
N VAL B 552 22.47 -4.68 -28.74
CA VAL B 552 21.01 -4.71 -28.61
C VAL B 552 20.40 -4.96 -29.99
N THR B 553 19.23 -5.57 -30.02
CA THR B 553 18.56 -5.90 -31.26
C THR B 553 17.45 -4.92 -31.63
N CYS B 554 16.82 -4.26 -30.66
CA CYS B 554 15.75 -3.33 -30.97
C CYS B 554 15.46 -2.49 -29.73
N PHE B 555 14.86 -1.33 -29.97
CA PHE B 555 14.46 -0.42 -28.89
C PHE B 555 13.01 -0.60 -28.47
N GLY B 556 12.22 -1.40 -29.19
CA GLY B 556 10.81 -1.52 -28.93
C GLY B 556 10.19 -2.72 -29.61
N PRO B 557 8.87 -2.81 -29.54
CA PRO B 557 8.17 -4.00 -30.06
C PRO B 557 8.00 -3.99 -31.58
N GLU B 558 7.91 -2.79 -32.16
CA GLU B 558 7.51 -2.65 -33.56
C GLU B 558 8.66 -2.99 -34.50
N ALA B 559 8.36 -2.98 -35.80
CA ALA B 559 9.35 -3.22 -36.84
C ALA B 559 10.15 -1.98 -37.20
N ASP B 560 9.71 -0.80 -36.77
CA ASP B 560 10.44 0.44 -37.00
C ASP B 560 11.50 0.70 -35.94
N GLN B 561 11.64 -0.19 -34.95
CA GLN B 561 12.59 0.01 -33.86
C GLN B 561 13.74 -0.99 -33.93
N CYS B 562 13.93 -1.65 -35.07
CA CYS B 562 15.01 -2.62 -35.20
C CYS B 562 16.34 -1.91 -35.31
N VAL B 563 17.41 -2.65 -35.00
CA VAL B 563 18.76 -2.23 -35.35
C VAL B 563 19.02 -2.54 -36.81
N ALA B 564 18.67 -3.75 -37.25
CA ALA B 564 18.74 -4.14 -38.64
C ALA B 564 17.52 -5.00 -38.97
N CYS B 565 17.26 -5.18 -40.26
CA CYS B 565 16.05 -5.84 -40.72
C CYS B 565 16.36 -7.21 -41.28
N ALA B 566 15.29 -7.99 -41.49
CA ALA B 566 15.38 -9.27 -42.17
C ALA B 566 15.24 -9.13 -43.68
N HIS B 567 14.49 -8.13 -44.14
CA HIS B 567 14.45 -7.79 -45.56
C HIS B 567 13.70 -6.47 -45.76
N ASP B 570 9.97 0.13 -47.15
CA ASP B 570 10.33 -0.02 -45.75
C ASP B 570 11.32 1.04 -45.31
N PRO B 571 10.90 2.31 -45.28
CA PRO B 571 11.82 3.39 -44.89
C PRO B 571 12.23 3.25 -43.43
N PRO B 572 11.28 3.01 -42.50
CA PRO B 572 11.70 2.64 -41.14
C PRO B 572 11.46 1.18 -40.82
N PHE B 573 10.50 0.56 -41.52
CA PHE B 573 10.09 -0.80 -41.22
C PHE B 573 11.05 -1.80 -41.87
N CYS B 574 10.63 -3.06 -42.01
CA CYS B 574 11.56 -4.10 -42.43
C CYS B 574 11.06 -4.94 -43.60
N VAL B 575 10.14 -5.87 -43.35
CA VAL B 575 9.77 -6.89 -44.32
C VAL B 575 10.97 -7.80 -44.55
N ALA B 576 12.53 -11.52 -43.93
CA ALA B 576 13.43 -12.66 -44.05
C ALA B 576 13.39 -13.23 -45.46
C1 NAG C . 64.05 13.21 -23.12
C2 NAG C . 63.23 14.05 -24.09
C3 NAG C . 62.32 15.00 -23.30
C4 NAG C . 61.44 14.20 -22.34
C5 NAG C . 62.29 13.26 -21.48
C6 NAG C . 61.44 12.31 -20.67
C7 NAG C . 64.04 16.08 -25.30
C8 NAG C . 65.01 16.55 -26.35
N2 NAG C . 64.07 14.76 -25.04
O3 NAG C . 61.50 15.75 -24.20
O4 NAG C . 60.73 15.08 -21.48
O5 NAG C . 63.17 12.45 -22.28
O6 NAG C . 60.33 11.82 -21.41
O7 NAG C . 63.27 16.84 -24.73
H1 NAG C . 64.59 13.80 -22.56
H2 NAG C . 62.65 13.44 -24.59
H3 NAG C . 62.88 15.61 -22.79
H4 NAG C . 60.81 13.67 -22.86
H5 NAG C . 62.83 13.79 -20.86
H61 NAG C . 61.11 12.77 -19.87
H62 NAG C . 61.99 11.55 -20.39
H81 NAG C . 64.83 16.09 -27.19
H82 NAG C . 64.91 17.51 -26.47
H83 NAG C . 65.92 16.35 -26.06
HN2 NAG C . 64.67 14.26 -25.51
HO3 NAG C . 61.20 16.47 -23.78
HO6 NAG C . 59.99 11.11 -21.00
C1 NAG C . 59.48 15.55 -22.03
C2 NAG C . 58.41 15.45 -20.94
C3 NAG C . 57.08 15.99 -21.45
C4 NAG C . 57.24 17.39 -22.02
C5 NAG C . 58.36 17.40 -23.07
C6 NAG C . 58.66 18.78 -23.60
C7 NAG C . 57.78 13.74 -19.29
C8 NAG C . 57.72 12.27 -19.00
N2 NAG C . 58.28 14.07 -20.49
O3 NAG C . 56.14 16.00 -20.37
O4 NAG C . 56.02 17.81 -22.62
O5 NAG C . 59.57 16.90 -22.49
O6 NAG C . 57.75 19.17 -24.61
O7 NAG C . 57.43 14.59 -18.48
H1 NAG C . 59.22 14.98 -22.78
H2 NAG C . 58.70 15.99 -20.19
H3 NAG C . 56.74 15.40 -22.15
H4 NAG C . 57.48 18.00 -21.30
H5 NAG C . 58.10 16.82 -23.81
H61 NAG C . 59.57 18.79 -23.97
H62 NAG C . 58.61 19.42 -22.87
H81 NAG C . 58.60 11.89 -19.05
H82 NAG C . 57.34 12.14 -18.10
H83 NAG C . 57.13 11.83 -19.65
HN2 NAG C . 58.53 13.40 -21.06
HO3 NAG C . 55.33 16.19 -20.69
HO6 NAG C . 57.72 20.06 -24.66
C1 BMA C . 55.12 18.55 -21.75
C2 BMA C . 54.69 19.85 -22.50
C3 BMA C . 53.60 20.59 -21.73
C4 BMA C . 52.50 19.63 -21.24
C5 BMA C . 53.11 18.46 -20.45
C6 BMA C . 52.04 17.51 -19.88
O2 BMA C . 54.15 19.56 -23.78
O3 BMA C . 53.00 21.68 -22.51
O4 BMA C . 51.60 20.33 -20.39
O5 BMA C . 53.99 17.76 -21.35
O6 BMA C . 52.40 16.12 -20.07
H1 BMA C . 55.69 18.83 -20.85
H2 BMA C . 55.58 20.50 -22.61
H3 BMA C . 54.05 21.07 -20.84
H4 BMA C . 51.99 19.23 -22.12
H5 BMA C . 53.70 18.86 -19.61
H61 BMA C . 51.08 17.74 -20.36
H62 BMA C . 51.93 17.75 -18.81
HO2 BMA C . 54.81 19.02 -24.24
HO4 BMA C . 51.26 21.07 -20.93
C1 MAN C . 53.30 23.01 -21.99
C2 MAN C . 52.09 23.98 -22.28
C3 MAN C . 52.14 24.61 -23.67
C4 MAN C . 53.56 25.06 -24.04
C5 MAN C . 54.50 23.86 -23.92
C6 MAN C . 55.92 24.14 -24.37
O2 MAN C . 52.10 25.09 -21.37
O3 MAN C . 51.24 25.71 -23.78
O4 MAN C . 53.58 25.58 -25.37
O5 MAN C . 54.53 23.48 -22.54
O6 MAN C . 56.31 25.39 -23.82
H1 MAN C . 53.49 22.95 -20.91
H2 MAN C . 51.15 23.41 -22.17
H3 MAN C . 51.81 23.86 -24.41
H4 MAN C . 53.88 25.82 -23.31
H5 MAN C . 54.10 23.03 -24.53
H61 MAN C . 55.95 24.14 -25.46
H62 MAN C . 56.54 23.31 -24.01
HO2 MAN C . 51.81 24.79 -20.50
HO3 MAN C . 50.35 25.32 -23.68
HO4 MAN C . 52.75 26.07 -25.47
HO6 MAN C . 55.92 25.47 -22.95
C1 MAN C . 52.91 15.54 -18.84
C2 MAN C . 53.31 14.06 -19.14
C3 MAN C . 52.12 13.11 -19.04
C4 MAN C . 51.44 13.29 -17.69
C5 MAN C . 50.87 14.71 -17.60
C6 MAN C . 50.16 14.97 -16.28
O2 MAN C . 54.27 13.57 -18.18
O3 MAN C . 52.51 11.75 -19.23
O4 MAN C . 50.37 12.35 -17.55
O5 MAN C . 51.96 15.66 -17.72
O6 MAN C . 51.03 14.59 -15.21
H1 MAN C . 53.78 16.11 -18.50
H2 MAN C . 53.73 14.01 -20.16
H3 MAN C . 51.40 13.36 -19.82
H4 MAN C . 52.18 13.15 -16.88
H5 MAN C . 50.16 14.85 -18.42
H61 MAN C . 49.23 14.38 -16.27
H62 MAN C . 49.90 16.03 -16.24
HO2 MAN C . 55.03 14.17 -18.17
HO3 MAN C . 53.02 11.75 -20.05
HO4 MAN C . 50.69 11.54 -17.98
HO6 MAN C . 51.94 14.73 -15.50
C1 NAG D . -21.88 14.54 15.36
C2 NAG D . -21.67 13.78 16.67
C3 NAG D . -21.03 14.68 17.70
C4 NAG D . -19.75 15.31 17.15
C5 NAG D . -19.97 15.90 15.75
C6 NAG D . -18.68 16.29 15.08
C7 NAG D . -24.04 13.68 17.50
C8 NAG D . -24.16 15.18 17.36
N2 NAG D . -22.88 13.12 17.17
O3 NAG D . -20.74 13.93 18.88
O4 NAG D . -19.40 16.38 18.01
O5 NAG D . -20.62 14.96 14.86
O6 NAG D . -18.81 16.30 13.66
O7 NAG D . -24.99 13.02 17.90
H1 NAG D . -22.44 15.33 15.53
H2 NAG D . -21.02 13.08 16.47
H3 NAG D . -21.66 15.40 17.94
H4 NAG D . -19.05 14.65 17.13
H5 NAG D . -20.53 16.69 15.82
H61 NAG D . -17.98 15.64 15.32
H62 NAG D . -18.41 17.18 15.38
H81 NAG D . -24.01 15.43 16.42
H82 NAG D . -25.05 15.47 17.63
H83 NAG D . -23.49 15.62 17.92
HN2 NAG D . -22.83 12.21 17.26
HO3 NAG D . -20.89 14.43 19.59
HO6 NAG D . -18.10 16.71 13.30
C1 NAG D . -18.03 16.49 18.53
C2 NAG D . -17.63 15.25 19.31
C3 NAG D . -16.25 15.44 19.93
C4 NAG D . -15.24 15.84 18.86
C5 NAG D . -15.75 16.98 17.97
C6 NAG D . -14.88 17.24 16.76
C7 NAG D . -18.90 15.73 21.37
C8 NAG D . -19.93 15.22 22.34
N2 NAG D . -18.61 14.92 20.35
O3 NAG D . -15.84 14.26 20.59
O4 NAG D . -14.04 16.28 19.50
O5 NAG D . -17.07 16.72 17.47
O6 NAG D . -15.64 17.74 15.68
O7 NAG D . -18.36 16.81 21.52
H1 NAG D . -17.99 17.26 19.14
H2 NAG D . -17.58 14.50 18.70
H3 NAG D . -16.30 16.17 20.58
H4 NAG D . -15.04 15.06 18.30
H5 NAG D . -15.78 17.80 18.51
H61 NAG D . -14.45 16.41 16.50
H62 NAG D . -14.19 17.89 17.00
H81 NAG D . -19.63 14.37 22.73
H82 NAG D . -20.07 15.87 23.04
H83 NAG D . -20.77 15.06 21.86
HN2 NAG D . -19.04 14.12 20.29
HO3 NAG D . -15.09 14.41 21.04
HO6 NAG D . -15.12 17.80 14.95
C1 BMA D . -12.92 15.39 19.34
C2 BMA D . -11.66 16.18 19.76
C3 BMA D . -10.43 15.28 19.60
C4 BMA D . -10.59 13.93 20.35
C5 BMA D . -11.93 13.25 19.98
C6 BMA D . -12.23 12.06 20.89
O2 BMA D . -11.76 16.54 21.13
O3 BMA D . -9.17 15.96 19.92
O4 BMA D . -9.52 13.06 20.03
O5 BMA D . -13.03 14.20 20.12
O6 BMA D . -13.02 11.13 20.17
H1 BMA D . -12.82 15.10 18.27
H2 BMA D . -11.57 17.07 19.13
H3 BMA D . -10.33 15.03 18.53
H4 BMA D . -10.62 14.15 21.44
H5 BMA D . -11.88 12.89 18.94
H61 BMA D . -12.73 12.43 21.80
H62 BMA D . -11.26 11.64 21.18
HO2 BMA D . -12.56 17.09 21.20
HO4 BMA D . -8.75 13.44 20.48
HO6 BMA D . -13.44 11.60 19.44
C1 MAN D . -8.99 16.35 21.31
C2 MAN D . -9.16 17.91 21.42
C3 MAN D . -7.93 18.63 20.88
C4 MAN D . -6.64 18.06 21.48
C5 MAN D . -6.58 16.55 21.22
C6 MAN D . -5.33 15.90 21.81
O2 MAN D . -9.30 18.32 22.79
O3 MAN D . -7.99 20.03 21.11
O4 MAN D . -5.51 18.69 20.90
O5 MAN D . -7.72 15.92 21.80
O6 MAN D . -5.26 16.24 23.19
H1 MAN D . -9.74 15.85 21.95
H2 MAN D . -10.05 18.20 20.84
H3 MAN D . -7.89 18.50 19.79
H4 MAN D . -6.67 18.21 22.58
H5 MAN D . -6.56 16.38 20.13
H61 MAN D . -4.46 16.26 21.25
H62 MAN D . -5.43 14.81 21.66
HO2 MAN D . -10.10 17.93 23.15
HO3 MAN D . -8.94 20.22 21.24
HO4 MAN D . -5.36 19.48 21.43
HO6 MAN D . -6.16 16.37 23.50
C1 GOL E . 64.03 26.55 -20.36
O1 GOL E . 65.00 25.76 -21.00
C2 GOL E . 62.71 25.79 -20.30
O2 GOL E . 62.05 25.89 -21.55
C3 GOL E . 61.82 26.37 -19.19
O3 GOL E . 60.74 25.49 -18.93
H11 GOL E . 64.36 26.79 -19.35
H12 GOL E . 63.89 27.49 -20.91
HO1 GOL E . 65.84 26.27 -21.10
H2 GOL E . 62.92 24.75 -20.07
HO2 GOL E . 61.21 25.39 -21.51
H31 GOL E . 62.41 26.51 -18.28
H32 GOL E . 61.44 27.34 -19.50
HO3 GOL E . 60.33 25.22 -19.79
C1 NAG F . 29.31 -13.56 -32.12
C2 NAG F . 29.52 -14.36 -33.42
C3 NAG F . 30.37 -15.60 -33.16
C4 NAG F . 31.66 -15.22 -32.45
C5 NAG F . 31.36 -14.44 -31.18
C6 NAG F . 32.59 -13.95 -30.47
C7 NAG F . 27.68 -14.15 -35.04
C8 NAG F . 26.36 -14.68 -35.50
N2 NAG F . 28.24 -14.75 -33.99
O3 NAG F . 30.67 -16.24 -34.39
O4 NAG F . 32.40 -16.39 -32.12
O5 NAG F . 30.59 -13.28 -31.52
O6 NAG F . 33.28 -15.01 -29.81
O7 NAG F . 28.22 -13.20 -35.61
H1 NAG F . 28.76 -14.07 -31.50
H2 NAG F . 29.99 -13.80 -34.06
H3 NAG F . 29.87 -16.22 -32.59
H4 NAG F . 32.21 -14.66 -33.05
H5 NAG F . 30.84 -15.00 -30.58
H61 NAG F . 32.34 -13.28 -29.81
H62 NAG F . 33.20 -13.54 -31.11
H81 NAG F . 25.71 -14.61 -34.78
H82 NAG F . 26.04 -14.17 -36.26
H83 NAG F . 26.46 -15.62 -35.75
HN2 NAG F . 27.78 -15.45 -33.62
HO3 NAG F . 31.46 -16.63 -34.33
HO4 NAG F . 33.20 -16.17 -31.81
HO6 NAG F . 33.99 -14.69 -29.38
C1 NAG G . -40.07 -20.45 32.32
C2 NAG G . -41.44 -19.74 32.40
C3 NAG G . -42.54 -20.64 31.85
C4 NAG G . -42.19 -21.17 30.47
C5 NAG G . -40.82 -21.86 30.51
C6 NAG G . -40.35 -22.32 29.16
C7 NAG G . -42.26 -18.17 34.10
C8 NAG G . -42.51 -17.94 35.55
N2 NAG G . -41.73 -19.35 33.76
O3 NAG G . -43.77 -19.91 31.80
O4 NAG G . -43.17 -22.11 30.04
O5 NAG G . -39.85 -20.92 30.99
O6 NAG G . -39.25 -21.53 28.70
O7 NAG G . -42.53 -17.31 33.25
H1 NAG G . -40.07 -21.21 32.93
H2 NAG G . -41.39 -18.94 31.85
H3 NAG G . -42.65 -21.40 32.46
H4 NAG G . -42.15 -20.43 29.84
H5 NAG G . -40.86 -22.61 31.12
H61 NAG G . -41.08 -22.25 28.52
H62 NAG G . -40.06 -23.25 29.22
H81 NAG G . -41.67 -18.00 36.05
H82 NAG G . -42.91 -17.05 35.69
H83 NAG G . -43.14 -18.62 35.89
HN2 NAG G . -41.56 -19.94 34.43
HO3 NAG G . -44.38 -20.41 31.37
HO4 NAG G . -42.79 -22.72 29.52
HO6 NAG G . -39.22 -21.55 27.82
#